data_6VHZ
#
_entry.id   6VHZ
#
_cell.length_a   77.013
_cell.length_b   61.408
_cell.length_c   80.518
_cell.angle_alpha   90.000
_cell.angle_beta   100.434
_cell.angle_gamma   90.000
#
_symmetry.space_group_name_H-M   'P 1 21 1'
#
loop_
_entity.id
_entity.type
_entity.pdbx_description
1 polymer 'NpsA Adenylation Domain'
2 non-polymer "5'-{[(benzenecarbonyl)sulfamoyl]amino}-5'-deoxyadenosine"
3 non-polymer 'CHLORIDE ION'
4 non-polymer 'BROMIDE ION'
5 water water
#
_entity_poly.entity_id   1
_entity_poly.type   'polypeptide(L)'
_entity_poly.pdbx_seq_one_letter_code
;GHMTHSAYVYQLKAVPDIFDEISQRFPDRVALIFDQRKITYRELAEQCSALAAVLQNNCLIKGDIVAIKIERSPELYIFM
LALMKIGAVMVPVNSNSPERYIGEVLSAAGARYLISDDVTSVPGGAWHVLSSRTLIQNCTQQRSGNYPVLSADDPALILM
TSGSTGKPKSVLIAHRGIARLGLPVPALGNSERDCYLQIADISFAASANEIWMALLTGACLTIAPPGLPDLMALARQIES
DNVTMLFLSGGLFRLFVEVSVETLHIPDCVVVSGDFVNPRLFSVAVQAGKAKIFNGLGCTENSAISSLYHIQSAAALSSE
SPVPVGTPLPLVEMVVFNERLQPCTCGEYGELFIAGAGVALGYSDPQLTAERFITIPYQGTDMLFYRTDDRATYDQDRNI
VLVGRG
;
_entity_poly.pdbx_strand_id   A,B
#
loop_
_chem_comp.id
_chem_comp.type
_chem_comp.name
_chem_comp.formula
BR non-polymer 'BROMIDE ION' 'Br -1'
CL non-polymer 'CHLORIDE ION' 'Cl -1'
QXP non-polymer 5'-{[(benzenecarbonyl)sulfamoyl]amino}-5'-deoxyadenosine 'C17 H20 N8 O6 S'
#
# COMPACT_ATOMS: atom_id res chain seq x y z
N GLN A 11 -15.66 -16.68 -31.90
CA GLN A 11 -17.10 -16.47 -31.76
C GLN A 11 -17.52 -16.51 -30.29
N LEU A 12 -17.52 -15.35 -29.65
CA LEU A 12 -17.89 -15.24 -28.25
C LEU A 12 -19.40 -15.10 -28.11
N LYS A 13 -19.96 -15.76 -27.09
CA LYS A 13 -21.34 -15.58 -26.71
C LYS A 13 -21.43 -14.60 -25.54
N ALA A 14 -22.65 -14.16 -25.25
CA ALA A 14 -22.86 -13.23 -24.16
C ALA A 14 -22.55 -13.90 -22.83
N VAL A 15 -22.34 -13.06 -21.80
CA VAL A 15 -21.94 -13.57 -20.48
C VAL A 15 -22.91 -14.63 -19.95
N PRO A 16 -24.24 -14.38 -19.87
CA PRO A 16 -25.10 -15.42 -19.30
C PRO A 16 -25.08 -16.72 -20.09
N ASP A 17 -24.98 -16.65 -21.42
CA ASP A 17 -24.84 -17.85 -22.22
C ASP A 17 -23.60 -18.64 -21.84
N ILE A 18 -22.49 -17.93 -21.57
CA ILE A 18 -21.26 -18.59 -21.16
C ILE A 18 -21.41 -19.18 -19.75
N PHE A 19 -21.93 -18.39 -18.81
CA PHE A 19 -22.09 -18.88 -17.45
C PHE A 19 -23.06 -20.04 -17.39
N ASP A 20 -24.09 -20.03 -18.24
CA ASP A 20 -25.03 -21.14 -18.31
C ASP A 20 -24.29 -22.46 -18.59
N GLU A 21 -23.57 -22.51 -19.71
CA GLU A 21 -22.85 -23.72 -20.05
C GLU A 21 -21.67 -23.97 -19.11
N ILE A 22 -21.16 -22.95 -18.44
CA ILE A 22 -20.16 -23.17 -17.40
C ILE A 22 -20.79 -23.85 -16.19
N SER A 23 -21.93 -23.32 -15.72
CA SER A 23 -22.61 -23.92 -14.58
C SER A 23 -23.17 -25.30 -14.92
N GLN A 24 -23.46 -25.55 -16.20
CA GLN A 24 -23.92 -26.88 -16.60
C GLN A 24 -22.77 -27.88 -16.61
N ARG A 25 -21.60 -27.47 -17.10
CA ARG A 25 -20.43 -28.34 -17.10
C ARG A 25 -20.02 -28.71 -15.68
N PHE A 26 -19.70 -27.69 -14.87
CA PHE A 26 -19.15 -27.88 -13.53
C PHE A 26 -20.14 -27.43 -12.47
N PRO A 27 -21.23 -28.19 -12.22
CA PRO A 27 -22.27 -27.69 -11.32
C PRO A 27 -21.88 -27.78 -9.85
N ASP A 28 -21.05 -28.75 -9.52
CA ASP A 28 -20.71 -29.04 -8.13
C ASP A 28 -19.43 -28.35 -7.67
N ARG A 29 -18.73 -27.65 -8.55
CA ARG A 29 -17.56 -26.89 -8.12
C ARG A 29 -18.00 -25.64 -7.36
N VAL A 30 -17.13 -25.17 -6.47
CA VAL A 30 -17.42 -23.99 -5.67
C VAL A 30 -17.25 -22.74 -6.52
N ALA A 31 -18.28 -21.90 -6.56
CA ALA A 31 -18.24 -20.64 -7.30
C ALA A 31 -17.85 -19.46 -6.41
N LEU A 32 -18.51 -19.30 -5.26
CA LEU A 32 -18.28 -18.16 -4.38
C LEU A 32 -18.01 -18.65 -2.97
N ILE A 33 -17.07 -17.98 -2.30
CA ILE A 33 -16.83 -18.16 -0.88
C ILE A 33 -16.89 -16.79 -0.21
N PHE A 34 -17.64 -16.69 0.88
CA PHE A 34 -17.70 -15.47 1.68
C PHE A 34 -17.64 -15.88 3.15
N ASP A 35 -16.65 -15.34 3.87
CA ASP A 35 -16.29 -15.85 5.19
C ASP A 35 -16.06 -17.36 5.09
N GLN A 36 -17.08 -18.15 5.43
CA GLN A 36 -17.02 -19.60 5.25
C GLN A 36 -18.20 -20.17 4.49
N ARG A 37 -19.17 -19.34 4.10
CA ARG A 37 -20.28 -19.81 3.28
C ARG A 37 -19.79 -20.15 1.88
N LYS A 38 -20.25 -21.30 1.37
CA LYS A 38 -19.87 -21.77 0.04
C LYS A 38 -21.10 -21.89 -0.83
N ILE A 39 -20.95 -21.57 -2.12
CA ILE A 39 -22.01 -21.66 -3.10
C ILE A 39 -21.47 -22.34 -4.35
N THR A 40 -22.13 -23.41 -4.77
CA THR A 40 -21.73 -24.14 -5.97
C THR A 40 -22.31 -23.47 -7.22
N TYR A 41 -21.81 -23.89 -8.38
CA TYR A 41 -22.23 -23.28 -9.64
C TYR A 41 -23.69 -23.57 -9.96
N ARG A 42 -24.14 -24.81 -9.70
CA ARG A 42 -25.56 -25.12 -9.88
C ARG A 42 -26.41 -24.31 -8.90
N GLU A 43 -25.93 -24.17 -7.67
CA GLU A 43 -26.59 -23.31 -6.69
C GLU A 43 -26.65 -21.87 -7.20
N LEU A 44 -25.50 -21.34 -7.64
CA LEU A 44 -25.45 -19.96 -8.11
C LEU A 44 -26.30 -19.75 -9.35
N ALA A 45 -26.36 -20.75 -10.25
CA ALA A 45 -27.15 -20.62 -11.45
C ALA A 45 -28.64 -20.55 -11.14
N GLU A 46 -29.09 -21.32 -10.15
CA GLU A 46 -30.51 -21.31 -9.78
C GLU A 46 -30.92 -19.97 -9.18
N GLN A 47 -30.10 -19.42 -8.29
CA GLN A 47 -30.41 -18.13 -7.69
C GLN A 47 -30.35 -17.01 -8.71
N CYS A 48 -29.40 -17.08 -9.65
CA CYS A 48 -29.32 -16.09 -10.71
C CYS A 48 -30.60 -16.08 -11.55
N SER A 49 -31.11 -17.26 -11.89
CA SER A 49 -32.35 -17.33 -12.66
C SER A 49 -33.55 -16.92 -11.82
N ALA A 50 -33.53 -17.21 -10.52
CA ALA A 50 -34.64 -16.79 -9.65
C ALA A 50 -34.64 -15.27 -9.48
N LEU A 51 -33.46 -14.68 -9.30
CA LEU A 51 -33.40 -13.22 -9.15
C LEU A 51 -33.74 -12.52 -10.47
N ALA A 52 -33.26 -13.06 -11.59
CA ALA A 52 -33.55 -12.47 -12.90
C ALA A 52 -35.06 -12.43 -13.14
N ALA A 53 -35.78 -13.46 -12.70
CA ALA A 53 -37.23 -13.44 -12.79
C ALA A 53 -37.83 -12.35 -11.90
N VAL A 54 -37.28 -12.20 -10.69
CA VAL A 54 -37.73 -11.14 -9.79
C VAL A 54 -37.48 -9.77 -10.43
N LEU A 55 -36.31 -9.59 -11.03
CA LEU A 55 -36.00 -8.31 -11.67
C LEU A 55 -36.99 -7.98 -12.78
N GLN A 56 -37.42 -8.99 -13.54
CA GLN A 56 -38.41 -8.75 -14.58
C GLN A 56 -39.75 -8.31 -14.02
N ASN A 57 -40.13 -8.83 -12.85
CA ASN A 57 -41.38 -8.40 -12.22
C ASN A 57 -41.35 -6.91 -11.88
N ASN A 58 -40.16 -6.35 -11.67
CA ASN A 58 -40.01 -4.95 -11.29
C ASN A 58 -39.85 -4.01 -12.49
N CYS A 59 -40.44 -4.37 -13.64
CA CYS A 59 -40.46 -3.58 -14.86
C CYS A 59 -39.08 -3.42 -15.50
N LEU A 60 -38.06 -4.13 -15.01
CA LEU A 60 -36.76 -4.09 -15.67
C LEU A 60 -36.82 -4.88 -16.97
N ILE A 61 -36.26 -4.31 -18.03
CA ILE A 61 -36.27 -4.94 -19.35
C ILE A 61 -34.87 -4.83 -19.94
N LYS A 62 -34.69 -5.48 -21.09
CA LYS A 62 -33.39 -5.44 -21.77
C LYS A 62 -33.03 -4.01 -22.13
N GLY A 63 -31.78 -3.65 -21.89
CA GLY A 63 -31.29 -2.32 -22.18
C GLY A 63 -31.44 -1.30 -21.07
N ASP A 64 -32.13 -1.65 -19.98
CA ASP A 64 -32.25 -0.73 -18.86
C ASP A 64 -30.87 -0.48 -18.24
N ILE A 65 -30.62 0.79 -17.92
CA ILE A 65 -29.38 1.19 -17.26
C ILE A 65 -29.61 1.06 -15.75
N VAL A 66 -28.96 0.08 -15.13
CA VAL A 66 -29.20 -0.28 -13.74
C VAL A 66 -27.90 -0.16 -12.97
N ALA A 67 -27.84 0.77 -12.04
CA ALA A 67 -26.67 0.88 -11.18
C ALA A 67 -26.78 -0.08 -10.00
N ILE A 68 -25.62 -0.57 -9.57
CA ILE A 68 -25.52 -1.49 -8.45
C ILE A 68 -24.61 -0.88 -7.39
N LYS A 69 -25.10 -0.83 -6.15
CA LYS A 69 -24.30 -0.36 -5.02
C LYS A 69 -24.55 -1.34 -3.87
N ILE A 70 -23.78 -2.41 -3.84
CA ILE A 70 -23.94 -3.49 -2.86
C ILE A 70 -22.56 -3.90 -2.37
N GLU A 71 -22.37 -3.88 -1.05
CA GLU A 71 -21.09 -4.28 -0.49
C GLU A 71 -20.77 -5.71 -0.89
N ARG A 72 -19.47 -6.03 -0.93
CA ARG A 72 -19.02 -7.37 -1.25
C ARG A 72 -19.73 -8.40 -0.40
N SER A 73 -20.26 -9.42 -1.06
CA SER A 73 -21.14 -10.43 -0.48
C SER A 73 -21.50 -11.39 -1.61
N PRO A 74 -21.96 -12.60 -1.30
CA PRO A 74 -22.42 -13.49 -2.37
C PRO A 74 -23.55 -12.89 -3.20
N GLU A 75 -24.42 -12.10 -2.56
CA GLU A 75 -25.59 -11.56 -3.27
C GLU A 75 -25.20 -10.55 -4.33
N LEU A 76 -24.07 -9.86 -4.16
CA LEU A 76 -23.64 -8.88 -5.14
C LEU A 76 -23.45 -9.52 -6.51
N TYR A 77 -22.79 -10.67 -6.55
CA TYR A 77 -22.49 -11.31 -7.83
C TYR A 77 -23.68 -12.07 -8.40
N ILE A 78 -24.66 -12.41 -7.56
CA ILE A 78 -25.94 -12.91 -8.09
C ILE A 78 -26.65 -11.81 -8.86
N PHE A 79 -26.65 -10.58 -8.32
CA PHE A 79 -27.24 -9.44 -9.01
C PHE A 79 -26.55 -9.20 -10.35
N MET A 80 -25.22 -9.22 -10.36
CA MET A 80 -24.48 -9.03 -11.60
C MET A 80 -24.91 -10.05 -12.66
N LEU A 81 -24.96 -11.32 -12.29
CA LEU A 81 -25.38 -12.36 -13.23
C LEU A 81 -26.84 -12.18 -13.62
N ALA A 82 -27.71 -11.90 -12.66
CA ALA A 82 -29.13 -11.74 -12.96
C ALA A 82 -29.36 -10.53 -13.85
N LEU A 83 -28.63 -9.45 -13.63
CA LEU A 83 -28.80 -8.24 -14.43
C LEU A 83 -28.41 -8.48 -15.88
N MET A 84 -27.32 -9.22 -16.12
CA MET A 84 -26.95 -9.48 -17.50
C MET A 84 -27.69 -10.66 -18.10
N LYS A 85 -28.29 -11.52 -17.27
CA LYS A 85 -29.17 -12.55 -17.81
C LYS A 85 -30.43 -11.93 -18.39
N ILE A 86 -30.87 -10.79 -17.88
CA ILE A 86 -32.07 -10.12 -18.38
C ILE A 86 -31.66 -8.99 -19.32
N GLY A 87 -30.39 -8.98 -19.70
CA GLY A 87 -29.90 -8.02 -20.66
C GLY A 87 -29.82 -6.60 -20.17
N ALA A 88 -29.75 -6.37 -18.87
CA ALA A 88 -29.61 -5.03 -18.34
C ALA A 88 -28.16 -4.56 -18.47
N VAL A 89 -27.98 -3.25 -18.40
CA VAL A 89 -26.67 -2.61 -18.47
C VAL A 89 -26.32 -2.14 -17.07
N MET A 90 -25.38 -2.83 -16.46
CA MET A 90 -25.04 -2.54 -15.05
C MET A 90 -24.02 -1.42 -14.86
N VAL A 91 -24.29 -0.56 -13.89
CA VAL A 91 -23.37 0.51 -13.55
C VAL A 91 -22.90 0.28 -12.13
N PRO A 92 -21.82 -0.47 -11.92
CA PRO A 92 -21.36 -0.73 -10.53
C PRO A 92 -20.86 0.56 -9.90
N VAL A 93 -21.26 0.78 -8.64
CA VAL A 93 -20.94 1.99 -7.91
C VAL A 93 -20.14 1.63 -6.66
N ASN A 94 -19.11 2.42 -6.38
CA ASN A 94 -18.27 2.20 -5.19
C ASN A 94 -19.13 2.43 -3.94
N SER A 95 -19.18 1.44 -3.04
CA SER A 95 -19.97 1.46 -1.79
C SER A 95 -19.53 2.57 -0.83
N ASN A 96 -18.32 3.07 -0.90
CA ASN A 96 -17.98 4.23 -0.04
C ASN A 96 -17.98 5.51 -0.87
N SER A 97 -18.77 5.55 -1.94
CA SER A 97 -18.80 6.82 -2.65
C SER A 97 -19.78 7.78 -1.98
N PRO A 98 -19.45 9.07 -1.95
CA PRO A 98 -20.36 10.04 -1.34
C PRO A 98 -21.61 10.23 -2.17
N GLU A 99 -22.73 10.50 -1.47
CA GLU A 99 -24.02 10.60 -2.13
C GLU A 99 -24.04 11.61 -3.27
N ARG A 100 -23.10 12.56 -3.29
CA ARG A 100 -23.04 13.49 -4.40
C ARG A 100 -22.37 12.87 -5.62
N TYR A 101 -21.26 12.15 -5.42
CA TYR A 101 -20.62 11.49 -6.55
C TYR A 101 -21.48 10.35 -7.09
N ILE A 102 -22.35 9.79 -6.26
CA ILE A 102 -23.32 8.81 -6.75
C ILE A 102 -24.19 9.44 -7.84
N GLY A 103 -24.72 10.63 -7.56
CA GLY A 103 -25.58 11.29 -8.53
C GLY A 103 -24.87 11.61 -9.82
N GLU A 104 -23.61 12.04 -9.74
CA GLU A 104 -22.85 12.32 -10.95
C GLU A 104 -22.67 11.05 -11.78
N VAL A 105 -22.43 9.92 -11.13
CA VAL A 105 -22.27 8.66 -11.86
C VAL A 105 -23.59 8.23 -12.48
N LEU A 106 -24.68 8.29 -11.70
CA LEU A 106 -25.99 7.93 -12.24
C LEU A 106 -26.36 8.81 -13.42
N SER A 107 -26.08 10.12 -13.32
CA SER A 107 -26.40 11.03 -14.40
C SER A 107 -25.54 10.76 -15.63
N ALA A 108 -24.22 10.64 -15.44
CA ALA A 108 -23.32 10.42 -16.56
C ALA A 108 -23.63 9.10 -17.26
N ALA A 109 -24.19 8.13 -16.55
CA ALA A 109 -24.61 6.87 -17.15
C ALA A 109 -26.09 6.86 -17.51
N GLY A 110 -26.87 7.82 -17.03
CA GLY A 110 -28.29 7.84 -17.32
C GLY A 110 -29.03 6.67 -16.75
N ALA A 111 -28.71 6.29 -15.51
CA ALA A 111 -29.35 5.14 -14.89
C ALA A 111 -30.82 5.40 -14.66
N ARG A 112 -31.65 4.42 -15.00
CA ARG A 112 -33.05 4.45 -14.62
C ARG A 112 -33.30 3.88 -13.23
N TYR A 113 -32.40 3.02 -12.76
CA TYR A 113 -32.55 2.36 -11.47
C TYR A 113 -31.24 2.42 -10.70
N LEU A 114 -31.36 2.37 -9.38
CA LEU A 114 -30.25 2.11 -8.48
C LEU A 114 -30.67 1.01 -7.54
N ILE A 115 -30.00 -0.12 -7.60
CA ILE A 115 -30.21 -1.22 -6.67
C ILE A 115 -29.11 -1.16 -5.62
N SER A 116 -29.51 -0.95 -4.37
CA SER A 116 -28.54 -0.72 -3.30
C SER A 116 -28.98 -1.44 -2.04
N ASP A 117 -27.99 -1.80 -1.21
CA ASP A 117 -28.24 -2.40 0.08
C ASP A 117 -28.40 -1.37 1.19
N ASP A 118 -28.15 -0.10 0.91
CA ASP A 118 -28.30 0.95 1.92
C ASP A 118 -28.95 2.20 1.33
N PRO A 123 -30.35 9.55 -3.15
CA PRO A 123 -29.54 10.44 -3.98
C PRO A 123 -30.36 11.63 -4.48
N GLY A 124 -31.30 11.37 -5.38
CA GLY A 124 -32.19 12.44 -5.91
C GLY A 124 -31.96 12.70 -7.38
N GLY A 125 -32.79 12.09 -8.23
CA GLY A 125 -32.70 12.26 -9.70
C GLY A 125 -33.75 11.42 -10.40
N ALA A 126 -33.68 11.36 -11.73
CA ALA A 126 -34.63 10.65 -12.58
C ALA A 126 -34.40 9.15 -12.55
N TRP A 127 -34.35 8.56 -11.35
CA TRP A 127 -34.11 7.13 -11.22
C TRP A 127 -34.88 6.59 -10.03
N HIS A 128 -35.20 5.29 -10.10
CA HIS A 128 -35.83 4.59 -9.00
C HIS A 128 -34.77 3.89 -8.15
N VAL A 129 -34.92 3.98 -6.83
CA VAL A 129 -34.04 3.29 -5.90
C VAL A 129 -34.72 1.99 -5.49
N LEU A 130 -34.02 0.86 -5.69
CA LEU A 130 -34.56 -0.45 -5.38
C LEU A 130 -33.75 -1.07 -4.25
N SER A 131 -34.45 -1.62 -3.27
CA SER A 131 -33.79 -2.30 -2.15
C SER A 131 -33.26 -3.66 -2.61
N SER A 132 -31.93 -3.82 -2.55
CA SER A 132 -31.33 -5.09 -2.94
C SER A 132 -31.78 -6.22 -2.01
N ARG A 133 -31.95 -5.91 -0.72
CA ARG A 133 -32.39 -6.92 0.23
C ARG A 133 -33.81 -7.40 -0.08
N THR A 134 -34.69 -6.49 -0.52
CA THR A 134 -36.06 -6.87 -0.82
C THR A 134 -36.14 -7.73 -2.08
N LEU A 135 -35.34 -7.39 -3.10
CA LEU A 135 -35.31 -8.23 -4.30
C LEU A 135 -34.84 -9.64 -3.98
N ILE A 136 -33.85 -9.76 -3.11
CA ILE A 136 -33.38 -11.09 -2.70
C ILE A 136 -34.45 -11.82 -1.89
N GLN A 137 -35.22 -11.07 -1.08
CA GLN A 137 -36.28 -11.69 -0.29
C GLN A 137 -37.42 -12.18 -1.17
N ASN A 138 -37.64 -11.56 -2.32
CA ASN A 138 -38.78 -11.88 -3.18
C ASN A 138 -38.52 -13.04 -4.14
N CYS A 139 -37.42 -13.78 -3.95
CA CYS A 139 -37.07 -14.86 -4.87
C CYS A 139 -37.94 -16.09 -4.59
N THR A 140 -38.63 -16.57 -5.63
CA THR A 140 -39.48 -17.73 -5.55
C THR A 140 -38.73 -18.96 -6.07
N ARG A 143 -37.63 -20.49 -12.02
CA ARG A 143 -36.71 -19.63 -12.76
C ARG A 143 -37.43 -18.71 -13.73
N SER A 144 -38.62 -19.11 -14.20
CA SER A 144 -39.45 -18.34 -15.13
C SER A 144 -38.78 -18.12 -16.48
N GLY A 145 -39.59 -17.84 -17.50
CA GLY A 145 -39.13 -17.76 -18.87
C GLY A 145 -38.91 -16.33 -19.35
N ASN A 146 -38.92 -16.18 -20.67
CA ASN A 146 -38.74 -14.90 -21.34
C ASN A 146 -37.41 -14.23 -20.98
N TYR A 147 -36.32 -14.69 -21.60
CA TYR A 147 -35.02 -14.04 -21.46
C TYR A 147 -34.53 -13.57 -22.82
N PRO A 148 -33.90 -12.40 -22.89
CA PRO A 148 -33.61 -11.79 -24.18
C PRO A 148 -32.58 -12.57 -24.99
N VAL A 149 -32.53 -12.26 -26.28
CA VAL A 149 -31.52 -12.80 -27.19
C VAL A 149 -30.34 -11.85 -27.17
N LEU A 150 -29.26 -12.26 -26.51
CA LEU A 150 -28.13 -11.38 -26.28
C LEU A 150 -26.98 -11.70 -27.22
N SER A 151 -26.43 -10.67 -27.86
CA SER A 151 -25.28 -10.77 -28.72
C SER A 151 -24.02 -10.35 -27.97
N ALA A 152 -22.86 -10.73 -28.53
CA ALA A 152 -21.59 -10.35 -27.92
C ALA A 152 -21.41 -8.84 -27.91
N ASP A 153 -22.05 -8.14 -28.83
CA ASP A 153 -21.91 -6.69 -28.93
C ASP A 153 -22.98 -5.92 -28.17
N ASP A 154 -23.93 -6.60 -27.55
CA ASP A 154 -24.91 -5.91 -26.72
C ASP A 154 -24.20 -5.27 -25.54
N PRO A 155 -24.63 -4.08 -25.10
CA PRO A 155 -23.98 -3.43 -23.97
C PRO A 155 -24.17 -4.22 -22.69
N ALA A 156 -23.12 -4.28 -21.87
CA ALA A 156 -23.14 -5.05 -20.64
C ALA A 156 -22.92 -4.22 -19.39
N LEU A 157 -22.07 -3.19 -19.45
CA LEU A 157 -21.81 -2.39 -18.27
C LEU A 157 -21.30 -1.02 -18.67
N ILE A 158 -21.49 -0.06 -17.76
CA ILE A 158 -20.92 1.28 -17.87
C ILE A 158 -19.93 1.47 -16.73
N LEU A 159 -18.71 1.88 -17.08
CA LEU A 159 -17.68 2.18 -16.10
C LEU A 159 -17.22 3.62 -16.29
N MET A 160 -17.00 4.31 -15.18
CA MET A 160 -16.49 5.68 -15.20
C MET A 160 -14.97 5.67 -15.16
N THR A 161 -14.34 6.43 -16.04
CA THR A 161 -12.91 6.59 -16.00
C THR A 161 -12.56 8.05 -16.24
N SER A 162 -11.53 8.52 -15.54
CA SER A 162 -10.99 9.86 -15.73
C SER A 162 -9.72 9.78 -16.54
N GLY A 163 -9.46 10.81 -17.32
CA GLY A 163 -8.27 10.90 -18.13
C GLY A 163 -7.15 11.64 -17.43
N SER A 164 -6.19 12.09 -18.24
CA SER A 164 -5.06 12.89 -17.73
C SER A 164 -5.61 14.20 -17.18
N THR A 165 -6.83 14.60 -17.54
CA THR A 165 -7.30 15.90 -17.01
C THR A 165 -8.81 15.99 -16.78
N GLY A 166 -9.61 15.72 -17.81
CA GLY A 166 -11.06 15.99 -17.74
C GLY A 166 -11.82 15.46 -16.53
N LYS A 167 -13.14 15.59 -16.55
CA LYS A 167 -14.03 15.02 -15.50
C LYS A 167 -14.31 13.55 -15.82
N PRO A 168 -15.01 12.81 -14.93
CA PRO A 168 -15.31 11.40 -15.17
C PRO A 168 -16.19 11.15 -16.40
N LYS A 169 -15.68 10.38 -17.36
CA LYS A 169 -16.39 10.00 -18.59
C LYS A 169 -16.90 8.55 -18.46
N SER A 170 -18.10 8.33 -18.94
CA SER A 170 -18.74 7.02 -18.90
C SER A 170 -18.29 6.19 -20.10
N VAL A 171 -17.98 4.92 -19.85
CA VAL A 171 -17.47 4.00 -20.86
C VAL A 171 -18.46 2.86 -21.00
N LEU A 172 -19.04 2.71 -22.19
CA LEU A 172 -19.98 1.63 -22.46
C LEU A 172 -19.21 0.39 -22.90
N ILE A 173 -19.38 -0.69 -22.14
CA ILE A 173 -18.62 -1.92 -22.35
C ILE A 173 -19.59 -3.01 -22.82
N ALA A 174 -19.20 -3.73 -23.86
CA ALA A 174 -20.04 -4.77 -24.45
C ALA A 174 -19.81 -6.11 -23.76
N HIS A 175 -20.74 -7.03 -23.99
CA HIS A 175 -20.67 -8.36 -23.38
C HIS A 175 -19.35 -9.05 -23.74
N ARG A 176 -18.94 -8.95 -25.01
CA ARG A 176 -17.68 -9.56 -25.43
C ARG A 176 -16.50 -9.04 -24.61
N GLY A 177 -16.57 -7.80 -24.13
CA GLY A 177 -15.44 -7.21 -23.42
C GLY A 177 -15.03 -7.97 -22.18
N ILE A 178 -16.00 -8.57 -21.49
CA ILE A 178 -15.72 -9.43 -20.35
C ILE A 178 -15.92 -10.91 -20.67
N ALA A 179 -16.73 -11.25 -21.69
CA ALA A 179 -16.90 -12.64 -22.07
C ALA A 179 -15.58 -13.27 -22.52
N ARG A 180 -14.66 -12.45 -23.03
CA ARG A 180 -13.36 -12.96 -23.45
C ARG A 180 -12.60 -13.58 -22.30
N LEU A 181 -12.87 -13.14 -21.06
CA LEU A 181 -12.21 -13.70 -19.89
C LEU A 181 -12.61 -15.15 -19.63
N GLY A 182 -13.62 -15.68 -20.32
CA GLY A 182 -13.90 -17.10 -20.25
C GLY A 182 -12.85 -17.95 -20.92
N LEU A 183 -12.07 -17.36 -21.83
CA LEU A 183 -11.02 -18.10 -22.52
C LEU A 183 -9.77 -18.16 -21.64
N PRO A 184 -9.20 -19.35 -21.43
CA PRO A 184 -7.98 -19.43 -20.62
C PRO A 184 -6.84 -18.63 -21.23
N VAL A 185 -6.04 -18.02 -20.38
CA VAL A 185 -4.90 -17.21 -20.80
C VAL A 185 -3.66 -18.10 -20.79
N PRO A 186 -2.95 -18.24 -21.91
CA PRO A 186 -1.82 -19.18 -21.94
C PRO A 186 -0.70 -18.82 -20.97
N ALA A 187 -0.40 -17.53 -20.81
CA ALA A 187 0.64 -17.13 -19.87
C ALA A 187 0.29 -17.47 -18.43
N LEU A 188 -1.00 -17.61 -18.11
CA LEU A 188 -1.43 -17.95 -16.77
C LEU A 188 -1.66 -19.44 -16.58
N GLY A 189 -2.08 -20.14 -17.63
CA GLY A 189 -2.42 -21.55 -17.49
C GLY A 189 -3.60 -21.77 -16.57
N ASN A 190 -4.58 -20.88 -16.59
CA ASN A 190 -5.71 -20.95 -15.68
C ASN A 190 -6.79 -21.88 -16.22
N SER A 191 -7.59 -22.41 -15.30
CA SER A 191 -8.67 -23.34 -15.62
C SER A 191 -9.68 -23.30 -14.48
N GLU A 192 -10.66 -24.23 -14.52
CA GLU A 192 -11.63 -24.33 -13.44
C GLU A 192 -11.00 -24.74 -12.11
N ARG A 193 -9.75 -25.19 -12.13
CA ARG A 193 -9.07 -25.61 -10.91
C ARG A 193 -8.77 -24.43 -9.99
N ASP A 194 -8.66 -23.23 -10.55
CA ASP A 194 -8.05 -22.11 -9.85
C ASP A 194 -9.02 -21.46 -8.88
N CYS A 195 -8.48 -20.52 -8.08
CA CYS A 195 -9.26 -19.73 -7.14
C CYS A 195 -8.81 -18.28 -7.24
N TYR A 196 -9.77 -17.36 -7.30
CA TYR A 196 -9.50 -15.94 -7.44
C TYR A 196 -9.97 -15.21 -6.19
N LEU A 197 -9.38 -14.03 -5.96
CA LEU A 197 -9.75 -13.17 -4.85
C LEU A 197 -10.39 -11.90 -5.39
N GLN A 198 -11.59 -11.61 -4.91
CA GLN A 198 -12.31 -10.38 -5.30
C GLN A 198 -12.00 -9.30 -4.27
N ILE A 199 -11.17 -8.32 -4.62
CA ILE A 199 -10.76 -7.26 -3.71
C ILE A 199 -10.86 -5.90 -4.42
N ALA A 200 -10.64 -5.90 -5.74
CA ALA A 200 -10.78 -4.66 -6.50
C ALA A 200 -12.23 -4.19 -6.47
N ASP A 201 -12.42 -2.88 -6.35
CA ASP A 201 -13.77 -2.34 -6.26
C ASP A 201 -14.51 -2.54 -7.57
N ILE A 202 -15.82 -2.79 -7.47
CA ILE A 202 -16.60 -3.15 -8.65
C ILE A 202 -16.68 -1.99 -9.62
N SER A 203 -16.53 -0.76 -9.15
CA SER A 203 -16.55 0.38 -10.05
C SER A 203 -15.31 0.46 -10.93
N PHE A 204 -14.28 -0.34 -10.63
CA PHE A 204 -13.06 -0.38 -11.43
C PHE A 204 -13.12 -1.52 -12.44
N ALA A 205 -12.51 -1.29 -13.60
CA ALA A 205 -12.42 -2.36 -14.59
C ALA A 205 -11.58 -3.53 -14.09
N ALA A 206 -10.62 -3.26 -13.20
CA ALA A 206 -9.78 -4.33 -12.68
C ALA A 206 -10.58 -5.41 -11.96
N SER A 207 -11.73 -5.03 -11.38
CA SER A 207 -12.58 -6.02 -10.72
C SER A 207 -13.05 -7.09 -11.70
N ALA A 208 -13.14 -6.75 -12.99
CA ALA A 208 -13.61 -7.74 -13.97
C ALA A 208 -12.62 -8.89 -14.12
N ASN A 209 -11.32 -8.64 -13.94
CA ASN A 209 -10.34 -9.72 -14.00
C ASN A 209 -10.67 -10.81 -12.98
N GLU A 210 -11.08 -10.41 -11.78
CA GLU A 210 -11.29 -11.35 -10.69
C GLU A 210 -12.65 -12.03 -10.79
N ILE A 211 -13.70 -11.27 -11.12
CA ILE A 211 -15.05 -11.80 -11.10
C ILE A 211 -15.27 -12.75 -12.28
N TRP A 212 -14.88 -12.32 -13.48
CA TRP A 212 -15.28 -13.04 -14.68
C TRP A 212 -14.27 -14.07 -15.14
N MET A 213 -12.98 -13.91 -14.83
CA MET A 213 -12.06 -15.03 -15.05
C MET A 213 -12.38 -16.19 -14.14
N ALA A 214 -13.10 -15.95 -13.05
CA ALA A 214 -13.55 -17.04 -12.18
C ALA A 214 -14.85 -17.64 -12.68
N LEU A 215 -15.94 -16.86 -12.66
CA LEU A 215 -17.27 -17.40 -12.89
C LEU A 215 -17.44 -17.94 -14.31
N LEU A 216 -16.71 -17.39 -15.27
CA LEU A 216 -16.84 -17.81 -16.66
C LEU A 216 -15.85 -18.90 -17.05
N THR A 217 -15.12 -19.47 -16.10
CA THR A 217 -14.25 -20.60 -16.38
C THR A 217 -14.47 -21.78 -15.44
N GLY A 218 -15.40 -21.68 -14.49
CA GLY A 218 -15.62 -22.73 -13.53
C GLY A 218 -14.74 -22.68 -12.30
N ALA A 219 -13.94 -21.63 -12.15
CA ALA A 219 -13.05 -21.50 -11.01
C ALA A 219 -13.80 -20.91 -9.81
N CYS A 220 -13.10 -20.78 -8.69
CA CYS A 220 -13.69 -20.30 -7.46
C CYS A 220 -13.32 -18.84 -7.22
N LEU A 221 -14.27 -18.07 -6.71
CA LEU A 221 -14.07 -16.66 -6.40
C LEU A 221 -14.32 -16.46 -4.91
N THR A 222 -13.25 -16.36 -4.12
CA THR A 222 -13.41 -16.02 -2.73
C THR A 222 -13.51 -14.51 -2.59
N ILE A 223 -14.51 -14.06 -1.85
CA ILE A 223 -14.87 -12.64 -1.76
C ILE A 223 -14.21 -12.04 -0.53
N ALA A 224 -13.49 -10.94 -0.72
CA ALA A 224 -12.93 -10.24 0.42
C ALA A 224 -14.03 -9.49 1.16
N PRO A 225 -13.87 -9.29 2.47
CA PRO A 225 -14.87 -8.52 3.21
C PRO A 225 -14.99 -7.12 2.64
N PRO A 226 -16.15 -6.50 2.76
CA PRO A 226 -16.33 -5.15 2.23
C PRO A 226 -15.49 -4.13 3.00
N GLY A 227 -15.19 -3.03 2.32
CA GLY A 227 -14.42 -1.95 2.92
C GLY A 227 -12.98 -1.95 2.44
N LEU A 228 -12.23 -1.01 3.01
CA LEU A 228 -10.82 -0.87 2.67
C LEU A 228 -10.06 -2.14 3.03
N PRO A 229 -8.97 -2.44 2.31
CA PRO A 229 -8.30 -3.74 2.48
C PRO A 229 -7.76 -3.96 3.89
N ASP A 230 -8.02 -5.15 4.41
CA ASP A 230 -7.52 -5.62 5.70
C ASP A 230 -6.48 -6.71 5.39
N LEU A 231 -5.22 -6.32 5.34
CA LEU A 231 -4.18 -7.24 4.86
C LEU A 231 -4.04 -8.46 5.75
N MET A 232 -4.34 -8.34 7.05
CA MET A 232 -4.37 -9.52 7.91
C MET A 232 -5.45 -10.49 7.46
N ALA A 233 -6.67 -9.99 7.29
CA ALA A 233 -7.75 -10.83 6.80
C ALA A 233 -7.48 -11.34 5.40
N LEU A 234 -6.92 -10.47 4.54
CA LEU A 234 -6.56 -10.91 3.19
C LEU A 234 -5.49 -11.99 3.23
N ALA A 235 -4.55 -11.89 4.18
CA ALA A 235 -3.50 -12.89 4.29
C ALA A 235 -4.08 -14.25 4.63
N ARG A 236 -4.87 -14.34 5.71
CA ARG A 236 -5.44 -15.61 6.10
C ARG A 236 -6.41 -16.14 5.04
N GLN A 237 -7.12 -15.24 4.35
CA GLN A 237 -8.07 -15.69 3.33
C GLN A 237 -7.35 -16.26 2.11
N ILE A 238 -6.23 -15.66 1.73
CA ILE A 238 -5.46 -16.14 0.58
C ILE A 238 -4.98 -17.57 0.83
N GLU A 239 -4.62 -17.88 2.06
CA GLU A 239 -4.13 -19.22 2.40
C GLU A 239 -5.28 -20.19 2.73
N SER A 240 -6.23 -19.75 3.56
CA SER A 240 -7.32 -20.62 3.97
C SER A 240 -8.11 -21.15 2.77
N ASP A 241 -8.39 -20.28 1.80
CA ASP A 241 -9.12 -20.66 0.60
C ASP A 241 -8.19 -20.99 -0.56
N ASN A 242 -6.88 -20.97 -0.34
CA ASN A 242 -5.88 -21.39 -1.33
C ASN A 242 -6.07 -20.66 -2.66
N VAL A 243 -5.91 -19.33 -2.61
CA VAL A 243 -5.98 -18.52 -3.81
C VAL A 243 -4.79 -18.87 -4.71
N THR A 244 -5.09 -19.11 -5.99
CA THR A 244 -4.05 -19.45 -6.96
C THR A 244 -3.79 -18.34 -7.97
N MET A 245 -4.77 -17.49 -8.24
CA MET A 245 -4.65 -16.37 -9.18
C MET A 245 -4.97 -15.09 -8.42
N LEU A 246 -3.94 -14.31 -8.09
CA LEU A 246 -4.08 -13.12 -7.28
C LEU A 246 -3.79 -11.88 -8.14
N PHE A 247 -4.81 -11.05 -8.32
CA PHE A 247 -4.67 -9.76 -9.00
C PHE A 247 -4.55 -8.65 -7.98
N LEU A 248 -3.61 -7.73 -8.22
CA LEU A 248 -3.29 -6.71 -7.23
C LEU A 248 -3.07 -5.37 -7.91
N SER A 249 -3.54 -4.30 -7.27
CA SER A 249 -3.11 -2.96 -7.63
C SER A 249 -1.66 -2.76 -7.24
N GLY A 250 -1.08 -1.65 -7.72
CA GLY A 250 0.28 -1.32 -7.34
C GLY A 250 0.43 -1.03 -5.85
N GLY A 251 -0.58 -0.42 -5.24
CA GLY A 251 -0.50 -0.13 -3.82
C GLY A 251 -0.60 -1.38 -2.97
N LEU A 252 -1.56 -2.26 -3.29
CA LEU A 252 -1.69 -3.50 -2.54
C LEU A 252 -0.46 -4.39 -2.73
N PHE A 253 0.11 -4.39 -3.93
CA PHE A 253 1.32 -5.17 -4.19
C PHE A 253 2.51 -4.63 -3.41
N ARG A 254 2.72 -3.30 -3.48
CA ARG A 254 3.86 -2.71 -2.78
C ARG A 254 3.74 -2.88 -1.27
N LEU A 255 2.54 -2.67 -0.72
CA LEU A 255 2.36 -2.85 0.72
C LEU A 255 2.64 -4.28 1.14
N PHE A 256 2.20 -5.26 0.33
CA PHE A 256 2.47 -6.65 0.67
C PHE A 256 3.96 -6.97 0.55
N VAL A 257 4.65 -6.41 -0.44
CA VAL A 257 6.09 -6.61 -0.55
C VAL A 257 6.79 -6.07 0.69
N GLU A 258 6.26 -5.00 1.28
CA GLU A 258 6.92 -4.35 2.40
C GLU A 258 6.65 -5.07 3.72
N VAL A 259 5.41 -5.52 3.96
CA VAL A 259 5.04 -6.04 5.27
C VAL A 259 4.88 -7.55 5.31
N SER A 260 4.68 -8.22 4.17
CA SER A 260 4.49 -9.66 4.18
C SER A 260 4.63 -10.26 2.78
N VAL A 261 5.85 -10.24 2.23
CA VAL A 261 6.07 -10.70 0.87
C VAL A 261 5.84 -12.20 0.74
N GLU A 262 5.96 -12.95 1.84
CA GLU A 262 5.72 -14.40 1.78
C GLU A 262 4.31 -14.71 1.32
N THR A 263 3.35 -13.82 1.61
CA THR A 263 1.97 -14.06 1.20
C THR A 263 1.83 -14.14 -0.31
N LEU A 264 2.62 -13.34 -1.03
CA LEU A 264 2.59 -13.30 -2.50
C LEU A 264 3.06 -14.60 -3.15
N HIS A 265 3.34 -15.67 -2.41
CA HIS A 265 3.79 -16.92 -3.01
C HIS A 265 2.97 -18.11 -2.57
N ILE A 266 1.82 -17.89 -1.95
CA ILE A 266 0.81 -18.92 -1.80
C ILE A 266 0.17 -19.20 -3.16
N PRO A 267 -0.21 -18.19 -3.95
CA PRO A 267 -0.74 -18.46 -5.29
C PRO A 267 0.34 -18.96 -6.24
N ASP A 268 -0.12 -19.34 -7.43
CA ASP A 268 0.79 -19.69 -8.51
C ASP A 268 1.15 -18.48 -9.37
N CYS A 269 0.24 -17.52 -9.50
CA CYS A 269 0.45 -16.35 -10.32
C CYS A 269 0.00 -15.11 -9.57
N VAL A 270 0.77 -14.03 -9.71
CA VAL A 270 0.44 -12.73 -9.14
C VAL A 270 0.57 -11.68 -10.24
N VAL A 271 -0.52 -10.96 -10.51
CA VAL A 271 -0.56 -9.98 -11.59
C VAL A 271 -0.73 -8.60 -10.97
N VAL A 272 0.25 -7.73 -11.23
CA VAL A 272 0.21 -6.34 -10.77
C VAL A 272 -0.14 -5.47 -11.97
N SER A 273 -1.21 -4.68 -11.84
CA SER A 273 -1.67 -3.83 -12.93
C SER A 273 -2.13 -2.49 -12.38
N GLY A 274 -2.24 -1.51 -13.26
CA GLY A 274 -2.83 -0.24 -12.89
C GLY A 274 -1.95 0.97 -13.15
N ASP A 275 -0.66 0.85 -12.88
CA ASP A 275 0.24 2.00 -12.97
C ASP A 275 1.67 1.49 -12.91
N PHE A 276 2.61 2.39 -13.15
CA PHE A 276 4.02 2.04 -13.06
C PHE A 276 4.38 1.62 -11.64
N VAL A 277 5.00 0.45 -11.51
CA VAL A 277 5.48 -0.06 -10.24
C VAL A 277 7.00 -0.08 -10.27
N ASN A 278 7.62 0.43 -9.20
CA ASN A 278 9.07 0.50 -9.08
C ASN A 278 9.70 -0.86 -9.36
N PRO A 279 10.63 -0.97 -10.30
CA PRO A 279 11.23 -2.27 -10.62
C PRO A 279 11.87 -2.97 -9.44
N ARG A 280 12.31 -2.23 -8.41
CA ARG A 280 12.90 -2.87 -7.24
C ARG A 280 11.88 -3.70 -6.47
N LEU A 281 10.61 -3.28 -6.48
CA LEU A 281 9.59 -4.04 -5.77
C LEU A 281 9.33 -5.38 -6.43
N PHE A 282 9.35 -5.42 -7.77
CA PHE A 282 9.26 -6.70 -8.47
C PHE A 282 10.43 -7.60 -8.12
N SER A 283 11.63 -7.03 -8.00
CA SER A 283 12.82 -7.83 -7.70
C SER A 283 12.70 -8.54 -6.36
N VAL A 284 12.23 -7.83 -5.32
CA VAL A 284 12.05 -8.45 -4.02
C VAL A 284 10.98 -9.54 -4.09
N ALA A 285 9.90 -9.27 -4.81
CA ALA A 285 8.80 -10.24 -4.89
C ALA A 285 9.24 -11.51 -5.61
N VAL A 286 9.91 -11.36 -6.76
CA VAL A 286 10.28 -12.53 -7.56
C VAL A 286 11.30 -13.39 -6.83
N GLN A 287 12.27 -12.77 -6.17
CA GLN A 287 13.30 -13.51 -5.46
C GLN A 287 12.79 -14.16 -4.18
N ALA A 288 11.50 -14.04 -3.87
CA ALA A 288 10.97 -14.45 -2.58
C ALA A 288 10.27 -15.80 -2.60
N GLY A 289 10.02 -16.38 -3.76
CA GLY A 289 9.35 -17.67 -3.80
C GLY A 289 9.04 -18.11 -5.21
N LYS A 290 8.21 -19.14 -5.30
CA LYS A 290 7.95 -19.87 -6.54
C LYS A 290 6.81 -19.28 -7.37
N ALA A 291 6.15 -18.22 -6.90
CA ALA A 291 5.03 -17.66 -7.64
C ALA A 291 5.51 -16.88 -8.85
N LYS A 292 4.85 -17.09 -9.99
CA LYS A 292 5.12 -16.32 -11.19
C LYS A 292 4.54 -14.92 -11.02
N ILE A 293 5.41 -13.91 -10.94
CA ILE A 293 4.99 -12.53 -10.79
C ILE A 293 4.87 -11.90 -12.17
N PHE A 294 3.76 -11.19 -12.41
CA PHE A 294 3.47 -10.59 -13.69
C PHE A 294 3.28 -9.08 -13.55
N ASN A 295 3.76 -8.33 -14.54
CA ASN A 295 3.34 -6.95 -14.74
C ASN A 295 2.25 -6.95 -15.79
N GLY A 296 1.13 -6.31 -15.47
CA GLY A 296 -0.03 -6.34 -16.34
C GLY A 296 -0.54 -4.95 -16.68
N LEU A 297 -1.07 -4.82 -17.89
CA LEU A 297 -1.70 -3.60 -18.33
C LEU A 297 -3.20 -3.81 -18.52
N GLY A 298 -3.98 -2.85 -18.07
CA GLY A 298 -5.40 -2.82 -18.36
C GLY A 298 -5.85 -1.38 -18.42
N CYS A 299 -6.99 -1.17 -19.08
CA CYS A 299 -7.60 0.14 -19.10
C CYS A 299 -9.11 -0.04 -19.19
N THR A 300 -9.84 0.96 -18.67
CA THR A 300 -11.30 0.88 -18.66
C THR A 300 -11.86 0.66 -20.04
N GLU A 301 -11.29 1.34 -21.05
CA GLU A 301 -11.82 1.29 -22.41
C GLU A 301 -11.56 -0.05 -23.10
N ASN A 302 -10.73 -0.94 -22.53
CA ASN A 302 -10.62 -2.30 -23.03
C ASN A 302 -11.23 -3.32 -22.07
N SER A 303 -12.15 -2.86 -21.21
CA SER A 303 -13.03 -3.72 -20.42
C SER A 303 -12.35 -4.42 -19.24
N ALA A 304 -11.13 -4.92 -19.43
CA ALA A 304 -10.46 -5.67 -18.36
C ALA A 304 -8.98 -5.79 -18.68
N ILE A 305 -8.29 -6.65 -17.94
CA ILE A 305 -6.85 -6.86 -18.14
C ILE A 305 -6.58 -7.21 -19.60
N SER A 306 -5.47 -6.68 -20.12
CA SER A 306 -5.20 -6.72 -21.55
C SER A 306 -3.90 -7.41 -21.92
N SER A 307 -2.85 -7.25 -21.12
CA SER A 307 -1.56 -7.87 -21.44
C SER A 307 -0.89 -8.31 -20.15
N LEU A 308 0.14 -9.16 -20.30
CA LEU A 308 0.87 -9.73 -19.17
C LEU A 308 2.33 -9.92 -19.56
N TYR A 309 3.23 -9.59 -18.64
CA TYR A 309 4.65 -9.91 -18.78
C TYR A 309 5.12 -10.64 -17.52
N HIS A 310 5.71 -11.81 -17.71
CA HIS A 310 6.19 -12.63 -16.61
C HIS A 310 7.58 -12.16 -16.19
N ILE A 311 7.70 -11.74 -14.93
CA ILE A 311 9.03 -11.41 -14.35
C ILE A 311 9.67 -12.78 -14.07
N GLN A 312 10.83 -13.04 -14.65
CA GLN A 312 11.43 -14.37 -14.61
C GLN A 312 12.50 -14.53 -13.53
N SER A 313 13.49 -13.64 -13.48
CA SER A 313 14.60 -13.79 -12.54
C SER A 313 14.69 -12.57 -11.63
N ALA A 314 15.30 -12.79 -10.47
CA ALA A 314 15.54 -11.70 -9.52
C ALA A 314 16.45 -10.64 -10.12
N ALA A 315 17.31 -11.01 -11.05
CA ALA A 315 18.21 -10.08 -11.72
C ALA A 315 17.88 -9.91 -13.20
N ALA A 316 16.83 -10.55 -13.69
CA ALA A 316 16.42 -10.33 -15.08
C ALA A 316 16.07 -8.87 -15.32
N LEU A 317 15.40 -8.25 -14.36
CA LEU A 317 15.14 -6.81 -14.43
C LEU A 317 16.45 -6.05 -14.31
N SER A 321 14.66 1.35 -16.17
CA SER A 321 14.03 0.70 -17.34
C SER A 321 12.66 0.21 -16.88
N PRO A 322 11.57 0.88 -17.29
CA PRO A 322 10.23 0.49 -16.86
C PRO A 322 10.01 -0.94 -17.35
N VAL A 323 9.49 -1.78 -16.46
CA VAL A 323 9.19 -3.21 -16.73
C VAL A 323 8.14 -3.28 -17.84
N PRO A 324 8.24 -4.22 -18.79
CA PRO A 324 7.26 -4.30 -19.85
C PRO A 324 5.89 -4.82 -19.38
N VAL A 325 4.84 -4.50 -20.14
CA VAL A 325 3.49 -4.99 -19.90
C VAL A 325 3.21 -6.29 -20.65
N GLY A 326 4.07 -6.66 -21.60
CA GLY A 326 4.05 -7.99 -22.16
C GLY A 326 3.25 -8.17 -23.44
N THR A 327 2.58 -9.32 -23.56
CA THR A 327 1.85 -9.73 -24.74
C THR A 327 0.35 -9.80 -24.46
N PRO A 328 -0.49 -9.49 -25.45
CA PRO A 328 -1.93 -9.37 -25.19
C PRO A 328 -2.56 -10.68 -24.75
N LEU A 329 -3.74 -10.54 -24.15
CA LEU A 329 -4.59 -11.66 -23.78
C LEU A 329 -5.29 -12.20 -25.02
N PRO A 330 -5.99 -13.33 -24.92
CA PRO A 330 -6.72 -13.85 -26.08
C PRO A 330 -7.67 -12.83 -26.69
N LEU A 331 -7.64 -12.72 -28.01
CA LEU A 331 -8.49 -11.84 -28.81
C LEU A 331 -8.20 -10.36 -28.60
N VAL A 332 -7.09 -10.02 -27.95
CA VAL A 332 -6.68 -8.63 -27.77
C VAL A 332 -5.56 -8.32 -28.74
N GLU A 333 -5.63 -7.15 -29.37
CA GLU A 333 -4.62 -6.69 -30.30
C GLU A 333 -4.01 -5.41 -29.73
N MET A 334 -2.69 -5.41 -29.56
CA MET A 334 -1.98 -4.25 -29.02
C MET A 334 -0.86 -3.86 -29.96
N VAL A 335 -0.86 -2.59 -30.39
CA VAL A 335 0.07 -2.09 -31.38
C VAL A 335 0.51 -0.68 -30.98
N VAL A 336 1.80 -0.40 -31.11
CA VAL A 336 2.36 0.93 -30.91
C VAL A 336 2.52 1.60 -32.26
N PHE A 337 1.77 2.68 -32.48
CA PHE A 337 1.79 3.41 -33.74
C PHE A 337 2.64 4.68 -33.62
N ASN A 338 3.19 5.13 -34.75
CA ASN A 338 3.98 6.38 -34.78
C ASN A 338 3.03 7.56 -34.72
N GLU A 339 3.53 8.76 -35.00
CA GLU A 339 2.70 9.99 -34.92
C GLU A 339 1.74 10.06 -36.11
N ARG A 340 2.06 9.38 -37.21
CA ARG A 340 1.18 9.40 -38.41
C ARG A 340 0.16 8.25 -38.40
N LEU A 341 -0.26 7.78 -37.23
CA LEU A 341 -1.22 6.65 -37.11
C LEU A 341 -0.75 5.49 -38.00
N GLN A 342 0.51 5.09 -37.83
CA GLN A 342 1.10 3.97 -38.60
C GLN A 342 2.38 3.53 -37.90
N PRO A 343 2.82 2.26 -38.02
CA PRO A 343 4.05 1.80 -37.41
C PRO A 343 5.04 1.55 -38.55
N GLY A 350 6.41 6.81 -29.84
CA GLY A 350 5.35 5.84 -30.05
C GLY A 350 4.11 6.09 -29.23
N GLU A 351 3.10 5.26 -29.41
CA GLU A 351 1.81 5.45 -28.75
C GLU A 351 1.03 4.14 -28.80
N LEU A 352 0.44 3.75 -27.68
CA LEU A 352 -0.23 2.47 -27.57
C LEU A 352 -1.66 2.53 -28.12
N PHE A 353 -2.01 1.56 -28.96
CA PHE A 353 -3.36 1.38 -29.46
C PHE A 353 -3.81 -0.05 -29.21
N ILE A 354 -5.07 -0.22 -28.83
CA ILE A 354 -5.61 -1.52 -28.47
C ILE A 354 -6.84 -1.81 -29.32
N ALA A 355 -6.87 -3.00 -29.92
CA ALA A 355 -8.03 -3.49 -30.66
C ALA A 355 -8.44 -4.85 -30.10
N GLY A 356 -9.54 -5.38 -30.63
CA GLY A 356 -9.96 -6.71 -30.22
C GLY A 356 -11.28 -6.78 -29.48
N ALA A 357 -11.57 -7.94 -28.89
CA ALA A 357 -12.86 -8.19 -28.27
C ALA A 357 -13.10 -7.30 -27.04
N GLY A 358 -12.06 -6.73 -26.46
CA GLY A 358 -12.25 -5.92 -25.27
C GLY A 358 -12.58 -4.46 -25.52
N VAL A 359 -12.48 -3.99 -26.76
CA VAL A 359 -12.65 -2.57 -27.05
C VAL A 359 -14.06 -2.14 -26.65
N ALA A 360 -14.14 -1.01 -25.96
CA ALA A 360 -15.42 -0.49 -25.49
C ALA A 360 -16.29 -0.05 -26.66
N LEU A 361 -17.60 -0.03 -26.42
CA LEU A 361 -18.53 0.50 -27.41
C LEU A 361 -18.37 2.00 -27.57
N GLY A 362 -17.86 2.70 -26.56
CA GLY A 362 -17.56 4.11 -26.66
C GLY A 362 -17.91 4.83 -25.38
N TYR A 363 -17.82 6.15 -25.43
CA TYR A 363 -18.20 7.01 -24.32
C TYR A 363 -19.65 7.48 -24.48
N SER A 364 -20.18 8.08 -23.41
CA SER A 364 -21.45 8.77 -23.51
C SER A 364 -21.38 9.88 -24.53
N ASP A 365 -20.33 10.69 -24.47
CA ASP A 365 -20.09 11.73 -25.45
C ASP A 365 -19.73 11.10 -26.78
N PRO A 366 -20.60 11.16 -27.79
CA PRO A 366 -20.27 10.54 -29.08
C PRO A 366 -19.20 11.29 -29.84
N GLN A 367 -18.93 12.54 -29.48
CA GLN A 367 -17.88 13.31 -30.14
C GLN A 367 -16.51 12.96 -29.58
N LEU A 368 -16.41 12.78 -28.26
CA LEU A 368 -15.16 12.29 -27.68
C LEU A 368 -14.92 10.83 -28.05
N THR A 369 -16.00 10.09 -28.33
CA THR A 369 -15.85 8.73 -28.83
C THR A 369 -15.09 8.71 -30.14
N ALA A 370 -15.36 9.66 -31.04
CA ALA A 370 -14.63 9.73 -32.29
C ALA A 370 -13.17 10.14 -32.05
N GLU A 371 -12.91 10.93 -31.01
CA GLU A 371 -11.55 11.40 -30.76
C GLU A 371 -10.62 10.26 -30.37
N ARG A 372 -11.13 9.24 -29.67
CA ARG A 372 -10.26 8.23 -29.08
C ARG A 372 -10.58 6.80 -29.51
N PHE A 373 -11.59 6.58 -30.34
CA PHE A 373 -11.87 5.28 -30.95
C PHE A 373 -11.82 5.47 -32.46
N ILE A 374 -10.72 5.06 -33.08
CA ILE A 374 -10.45 5.36 -34.48
C ILE A 374 -10.23 4.08 -35.25
N THR A 375 -10.82 3.99 -36.45
CA THR A 375 -10.57 2.90 -37.36
C THR A 375 -9.23 3.11 -38.06
N ILE A 376 -8.36 2.11 -37.97
CA ILE A 376 -7.00 2.20 -38.49
C ILE A 376 -6.68 0.95 -39.31
N PRO A 377 -6.15 1.09 -40.52
CA PRO A 377 -5.72 -0.10 -41.28
C PRO A 377 -4.48 -0.72 -40.64
N TYR A 378 -4.56 -2.00 -40.35
CA TYR A 378 -3.46 -2.73 -39.69
C TYR A 378 -3.42 -4.13 -40.27
N GLN A 379 -2.35 -4.43 -41.03
CA GLN A 379 -2.18 -5.72 -41.68
C GLN A 379 -3.32 -6.03 -42.63
N GLY A 380 -3.71 -5.04 -43.43
CA GLY A 380 -4.68 -5.26 -44.50
C GLY A 380 -6.09 -4.81 -44.21
N THR A 381 -6.60 -5.11 -43.02
CA THR A 381 -8.00 -4.89 -42.68
C THR A 381 -8.14 -3.69 -41.75
N ASP A 382 -9.23 -2.95 -41.94
CA ASP A 382 -9.59 -1.89 -41.01
C ASP A 382 -9.90 -2.50 -39.64
N MET A 383 -9.38 -1.85 -38.60
CA MET A 383 -9.58 -2.31 -37.23
C MET A 383 -9.88 -1.12 -36.35
N LEU A 384 -10.83 -1.28 -35.43
CA LEU A 384 -11.16 -0.24 -34.48
C LEU A 384 -10.17 -0.30 -33.32
N PHE A 385 -9.40 0.77 -33.14
CA PHE A 385 -8.42 0.87 -32.07
C PHE A 385 -8.85 1.94 -31.07
N TYR A 386 -8.69 1.65 -29.79
CA TYR A 386 -8.84 2.67 -28.76
C TYR A 386 -7.50 3.40 -28.61
N ARG A 387 -7.57 4.74 -28.56
CA ARG A 387 -6.38 5.57 -28.40
C ARG A 387 -6.12 5.77 -26.91
N THR A 388 -5.06 5.12 -26.40
CA THR A 388 -4.86 5.03 -24.95
C THR A 388 -4.20 6.27 -24.35
N ASP A 389 -3.60 7.14 -25.16
CA ASP A 389 -2.84 8.30 -24.68
C ASP A 389 -1.63 7.89 -23.85
N ASP A 390 -1.23 6.62 -23.89
CA ASP A 390 -0.05 6.13 -23.19
C ASP A 390 1.11 6.09 -24.17
N ARG A 391 2.05 7.01 -24.00
CA ARG A 391 3.29 6.97 -24.77
C ARG A 391 4.00 5.65 -24.52
N ALA A 392 4.48 5.01 -25.59
CA ALA A 392 4.97 3.64 -25.49
C ALA A 392 5.97 3.37 -26.60
N THR A 393 6.55 2.18 -26.55
CA THR A 393 7.47 1.66 -27.57
C THR A 393 7.58 0.15 -27.36
N TYR A 394 8.28 -0.52 -28.27
CA TYR A 394 8.39 -1.99 -28.21
C TYR A 394 9.74 -2.44 -27.68
N ASP A 395 9.77 -3.71 -27.32
CA ASP A 395 10.93 -4.44 -26.79
C ASP A 395 11.67 -5.10 -27.95
N GLN A 396 12.86 -5.62 -27.71
CA GLN A 396 13.51 -6.35 -28.82
C GLN A 396 12.90 -7.74 -28.83
N ASP A 397 12.59 -8.27 -27.65
CA ASP A 397 12.02 -9.61 -27.55
C ASP A 397 10.50 -9.62 -27.62
N ARG A 398 9.91 -8.77 -28.47
CA ARG A 398 8.47 -8.72 -28.71
C ARG A 398 7.71 -8.52 -27.39
N ASN A 399 7.77 -7.29 -26.91
CA ASN A 399 7.13 -6.91 -25.66
C ASN A 399 6.83 -5.42 -25.65
N ILE A 400 5.58 -5.08 -25.34
CA ILE A 400 5.16 -3.70 -25.21
C ILE A 400 5.65 -3.14 -23.88
N VAL A 401 6.02 -1.86 -23.91
CA VAL A 401 6.62 -1.19 -22.77
C VAL A 401 6.08 0.23 -22.72
N LEU A 402 5.42 0.55 -21.62
CA LEU A 402 4.90 1.93 -21.47
C LEU A 402 6.01 2.81 -20.89
N VAL A 403 6.05 4.07 -21.27
CA VAL A 403 7.08 5.01 -20.73
C VAL A 403 6.44 6.38 -20.73
N GLY A 404 5.90 6.83 -19.61
CA GLY A 404 5.19 8.11 -19.54
C GLY A 404 5.94 9.26 -20.18
N HIS B 5 15.12 22.51 31.26
CA HIS B 5 15.34 22.54 29.82
C HIS B 5 16.61 23.33 29.48
N SER B 6 16.95 23.37 28.19
CA SER B 6 18.11 24.10 27.72
C SER B 6 17.83 24.60 26.31
N ALA B 7 17.98 25.91 26.11
CA ALA B 7 17.75 26.51 24.80
C ALA B 7 18.92 26.33 23.84
N TYR B 8 20.02 25.76 24.29
CA TYR B 8 21.11 25.50 23.32
C TYR B 8 20.73 24.20 22.60
N VAL B 9 20.10 24.30 21.43
CA VAL B 9 19.55 23.15 20.67
C VAL B 9 20.62 22.09 20.39
N TYR B 10 21.86 22.48 20.10
CA TYR B 10 22.90 21.48 19.82
C TYR B 10 23.21 20.66 21.08
N GLN B 11 22.80 21.11 22.26
CA GLN B 11 23.14 20.38 23.48
C GLN B 11 22.07 19.32 23.74
N LEU B 12 22.18 18.21 23.01
CA LEU B 12 21.26 17.10 23.20
C LEU B 12 21.61 16.30 24.45
N LYS B 13 20.59 15.83 25.14
CA LYS B 13 20.75 14.94 26.29
C LYS B 13 20.29 13.54 25.90
N ALA B 14 20.58 12.57 26.77
CA ALA B 14 20.13 11.21 26.53
C ALA B 14 18.61 11.15 26.55
N VAL B 15 18.07 10.15 25.83
CA VAL B 15 16.61 10.01 25.72
C VAL B 15 15.91 9.99 27.08
N PRO B 16 16.37 9.24 28.10
CA PRO B 16 15.66 9.28 29.39
C PRO B 16 15.65 10.65 30.04
N ASP B 17 16.69 11.44 29.83
CA ASP B 17 16.72 12.78 30.40
C ASP B 17 15.73 13.70 29.68
N ILE B 18 15.59 13.54 28.36
CA ILE B 18 14.64 14.35 27.62
C ILE B 18 13.21 13.97 27.98
N PHE B 19 12.95 12.67 28.13
CA PHE B 19 11.60 12.24 28.47
C PHE B 19 11.18 12.72 29.85
N ASP B 20 12.08 12.67 30.83
CA ASP B 20 11.75 13.12 32.16
C ASP B 20 11.42 14.62 32.17
N GLU B 21 12.19 15.41 31.42
CA GLU B 21 11.87 16.83 31.31
C GLU B 21 10.52 17.03 30.64
N ILE B 22 10.22 16.24 29.62
CA ILE B 22 8.93 16.31 28.94
C ILE B 22 7.81 15.83 29.87
N SER B 23 8.02 14.68 30.52
CA SER B 23 6.98 14.09 31.36
C SER B 23 6.64 14.96 32.55
N GLN B 24 7.55 15.81 33.00
CA GLN B 24 7.26 16.73 34.09
C GLN B 24 6.73 18.08 33.62
N ARG B 25 7.05 18.46 32.38
CA ARG B 25 6.54 19.71 31.82
C ARG B 25 5.13 19.54 31.29
N PHE B 26 4.83 18.37 30.71
CA PHE B 26 3.49 18.07 30.18
C PHE B 26 2.94 16.82 30.86
N PRO B 27 2.87 16.81 32.19
CA PRO B 27 2.49 15.56 32.89
C PRO B 27 1.05 15.13 32.60
N ASP B 28 0.15 16.08 32.34
CA ASP B 28 -1.24 15.77 32.14
C ASP B 28 -1.61 15.58 30.66
N ARG B 29 -0.67 15.75 29.74
CA ARG B 29 -0.97 15.48 28.35
C ARG B 29 -0.96 13.98 28.10
N VAL B 30 -1.82 13.54 27.19
CA VAL B 30 -1.90 12.12 26.86
C VAL B 30 -0.69 11.75 26.00
N ALA B 31 0.01 10.68 26.41
CA ALA B 31 1.20 10.22 25.72
C ALA B 31 0.97 8.97 24.89
N LEU B 32 0.16 8.04 25.39
CA LEU B 32 -0.10 6.78 24.70
C LEU B 32 -1.59 6.51 24.63
N ILE B 33 -2.05 6.08 23.45
CA ILE B 33 -3.41 5.60 23.27
C ILE B 33 -3.32 4.23 22.60
N PHE B 34 -4.04 3.25 23.17
CA PHE B 34 -4.21 1.93 22.57
C PHE B 34 -5.63 1.47 22.86
N ASP B 35 -6.48 1.51 21.83
CA ASP B 35 -7.86 0.99 21.88
C ASP B 35 -8.59 1.50 23.13
N GLN B 36 -8.78 2.82 23.14
CA GLN B 36 -9.56 3.50 24.17
C GLN B 36 -8.88 3.44 25.53
N ARG B 37 -7.68 2.86 25.60
CA ARG B 37 -6.87 2.93 26.82
C ARG B 37 -5.87 4.07 26.65
N LYS B 38 -5.88 5.03 27.58
CA LYS B 38 -5.10 6.25 27.47
C LYS B 38 -4.19 6.40 28.67
N ILE B 39 -2.96 6.84 28.42
CA ILE B 39 -1.91 6.93 29.43
C ILE B 39 -1.28 8.31 29.36
N THR B 40 -1.37 9.07 30.44
CA THR B 40 -0.74 10.38 30.50
C THR B 40 0.76 10.25 30.65
N TYR B 41 1.46 11.37 30.43
CA TYR B 41 2.92 11.37 30.59
C TYR B 41 3.32 11.09 32.03
N ARG B 42 2.54 11.59 32.99
CA ARG B 42 2.81 11.28 34.40
C ARG B 42 2.69 9.78 34.66
N GLU B 43 1.60 9.16 34.17
CA GLU B 43 1.44 7.72 34.31
C GLU B 43 2.54 6.96 33.57
N LEU B 44 3.01 7.49 32.45
CA LEU B 44 4.03 6.80 31.67
C LEU B 44 5.39 6.88 32.35
N ALA B 45 5.79 8.07 32.79
CA ALA B 45 7.05 8.22 33.50
C ALA B 45 7.08 7.36 34.75
N GLU B 46 5.94 7.26 35.45
CA GLU B 46 5.85 6.43 36.63
C GLU B 46 6.02 4.95 36.29
N GLN B 47 5.46 4.52 35.15
CA GLN B 47 5.60 3.12 34.75
C GLN B 47 7.00 2.84 34.20
N CYS B 48 7.59 3.81 33.51
CA CYS B 48 8.95 3.64 32.99
C CYS B 48 9.95 3.46 34.12
N SER B 49 9.79 4.22 35.21
CA SER B 49 10.75 4.12 36.32
C SER B 49 10.57 2.82 37.10
N ALA B 50 9.32 2.36 37.26
CA ALA B 50 9.09 1.10 37.96
C ALA B 50 9.62 -0.08 37.16
N LEU B 51 9.43 -0.07 35.84
CA LEU B 51 9.94 -1.15 35.01
C LEU B 51 11.46 -1.13 34.95
N ALA B 52 12.07 0.05 34.90
CA ALA B 52 13.53 0.13 34.89
C ALA B 52 14.13 -0.48 36.16
N ALA B 53 13.44 -0.33 37.30
CA ALA B 53 13.91 -0.97 38.53
C ALA B 53 13.77 -2.48 38.45
N VAL B 54 12.69 -2.96 37.82
CA VAL B 54 12.54 -4.40 37.63
C VAL B 54 13.63 -4.94 36.72
N LEU B 55 13.99 -4.17 35.69
CA LEU B 55 15.07 -4.58 34.79
C LEU B 55 16.40 -4.67 35.53
N GLN B 56 16.69 -3.69 36.38
CA GLN B 56 17.94 -3.72 37.14
C GLN B 56 17.97 -4.87 38.13
N ASN B 57 16.82 -5.26 38.68
CA ASN B 57 16.77 -6.42 39.55
C ASN B 57 16.70 -7.73 38.77
N ASN B 58 16.74 -7.66 37.44
CA ASN B 58 16.87 -8.84 36.58
C ASN B 58 18.22 -8.89 35.89
N CYS B 59 19.24 -8.25 36.46
CA CYS B 59 20.66 -8.32 36.10
C CYS B 59 21.02 -7.53 34.85
N LEU B 60 20.12 -6.70 34.31
CA LEU B 60 20.45 -5.87 33.17
C LEU B 60 21.17 -4.60 33.63
N ILE B 61 22.24 -4.23 32.91
CA ILE B 61 23.04 -3.06 33.24
C ILE B 61 23.36 -2.28 31.97
N LYS B 62 23.95 -1.10 32.17
CA LYS B 62 24.37 -0.25 31.07
C LYS B 62 25.27 -0.99 30.11
N GLY B 63 24.96 -0.90 28.81
CA GLY B 63 25.74 -1.55 27.78
C GLY B 63 25.21 -2.89 27.33
N ASP B 64 24.32 -3.51 28.09
CA ASP B 64 23.77 -4.81 27.71
C ASP B 64 22.97 -4.71 26.42
N ILE B 65 23.20 -5.67 25.53
CA ILE B 65 22.48 -5.74 24.25
C ILE B 65 21.20 -6.51 24.49
N VAL B 66 20.06 -5.83 24.45
CA VAL B 66 18.77 -6.41 24.82
C VAL B 66 17.82 -6.26 23.64
N ALA B 67 17.42 -7.37 23.05
CA ALA B 67 16.43 -7.35 21.98
C ALA B 67 15.02 -7.25 22.56
N ILE B 68 14.14 -6.62 21.80
CA ILE B 68 12.72 -6.50 22.14
C ILE B 68 11.90 -7.12 21.02
N LYS B 69 11.04 -8.07 21.38
CA LYS B 69 10.04 -8.62 20.46
C LYS B 69 8.71 -8.56 21.20
N ILE B 70 8.00 -7.45 21.06
CA ILE B 70 6.73 -7.23 21.74
C ILE B 70 5.76 -6.63 20.73
N GLU B 71 4.60 -7.26 20.57
CA GLU B 71 3.55 -6.71 19.72
C GLU B 71 3.21 -5.29 20.15
N ARG B 72 2.76 -4.50 19.18
CA ARG B 72 2.37 -3.13 19.44
C ARG B 72 1.36 -3.06 20.58
N SER B 73 1.71 -2.27 21.60
CA SER B 73 0.97 -2.17 22.85
C SER B 73 1.64 -1.08 23.68
N PRO B 74 0.94 -0.53 24.68
CA PRO B 74 1.60 0.44 25.56
C PRO B 74 2.83 -0.11 26.24
N GLU B 75 2.83 -1.40 26.60
CA GLU B 75 4.00 -2.01 27.24
C GLU B 75 5.21 -1.98 26.33
N LEU B 76 5.01 -2.07 25.01
CA LEU B 76 6.13 -2.05 24.08
C LEU B 76 6.97 -0.79 24.27
N TYR B 77 6.31 0.36 24.41
CA TYR B 77 7.03 1.62 24.53
C TYR B 77 7.45 1.90 25.96
N ILE B 78 6.79 1.30 26.94
CA ILE B 78 7.28 1.35 28.31
C ILE B 78 8.63 0.65 28.40
N PHE B 79 8.76 -0.51 27.76
CA PHE B 79 10.04 -1.22 27.75
C PHE B 79 11.12 -0.42 27.06
N MET B 80 10.76 0.28 25.97
CA MET B 80 11.74 1.11 25.29
C MET B 80 12.30 2.17 26.22
N LEU B 81 11.43 2.87 26.94
CA LEU B 81 11.88 3.94 27.83
C LEU B 81 12.71 3.39 28.98
N ALA B 82 12.27 2.29 29.58
CA ALA B 82 12.98 1.73 30.73
C ALA B 82 14.35 1.20 30.32
N LEU B 83 14.44 0.57 29.14
CA LEU B 83 15.74 0.11 28.65
C LEU B 83 16.67 1.28 28.38
N MET B 84 16.14 2.38 27.82
CA MET B 84 16.94 3.59 27.68
C MET B 84 17.41 4.09 29.03
N LYS B 85 16.54 4.05 30.04
CA LYS B 85 16.86 4.65 31.34
C LYS B 85 18.03 3.93 32.01
N ILE B 86 18.08 2.60 31.91
CA ILE B 86 19.18 1.84 32.48
C ILE B 86 20.37 1.76 31.53
N GLY B 87 20.32 2.43 30.38
CA GLY B 87 21.46 2.47 29.49
C GLY B 87 21.68 1.22 28.67
N ALA B 88 20.66 0.36 28.54
CA ALA B 88 20.77 -0.80 27.69
C ALA B 88 20.70 -0.39 26.23
N VAL B 89 21.26 -1.25 25.37
CA VAL B 89 21.22 -1.06 23.92
C VAL B 89 20.14 -1.98 23.39
N MET B 90 19.03 -1.42 22.93
CA MET B 90 17.90 -2.22 22.49
C MET B 90 18.03 -2.63 21.03
N VAL B 91 17.57 -3.85 20.74
CA VAL B 91 17.57 -4.38 19.39
C VAL B 91 16.13 -4.69 19.02
N PRO B 92 15.37 -3.74 18.47
CA PRO B 92 13.97 -4.00 18.16
C PRO B 92 13.82 -5.06 17.08
N VAL B 93 12.99 -6.05 17.35
CA VAL B 93 12.75 -7.17 16.44
C VAL B 93 11.30 -7.11 15.98
N ASN B 94 11.09 -7.22 14.66
CA ASN B 94 9.75 -7.33 14.10
C ASN B 94 9.08 -8.59 14.63
N SER B 95 8.06 -8.42 15.47
CA SER B 95 7.37 -9.56 16.06
C SER B 95 6.58 -10.31 14.99
N ASN B 96 6.59 -9.78 13.78
CA ASN B 96 5.97 -10.42 12.62
C ASN B 96 6.99 -11.09 11.71
N SER B 97 8.23 -11.31 12.20
CA SER B 97 9.31 -11.87 11.40
C SER B 97 9.60 -13.31 11.81
N PRO B 98 10.06 -14.15 10.89
CA PRO B 98 10.22 -15.57 11.20
C PRO B 98 11.37 -15.83 12.17
N GLU B 99 11.28 -16.97 12.85
CA GLU B 99 12.26 -17.33 13.86
C GLU B 99 13.67 -17.44 13.30
N ARG B 100 13.81 -17.67 11.99
CA ARG B 100 15.13 -17.80 11.39
C ARG B 100 15.83 -16.43 11.29
N TYR B 101 15.11 -15.42 10.77
CA TYR B 101 15.68 -14.09 10.70
C TYR B 101 15.87 -13.48 12.08
N ILE B 102 14.99 -13.82 13.03
CA ILE B 102 15.19 -13.40 14.41
C ILE B 102 16.52 -13.90 14.94
N GLY B 103 16.84 -15.17 14.66
CA GLY B 103 18.13 -15.69 15.08
C GLY B 103 19.30 -14.96 14.45
N GLU B 104 19.15 -14.58 13.17
CA GLU B 104 20.22 -13.86 12.49
C GLU B 104 20.41 -12.46 13.07
N VAL B 105 19.30 -11.80 13.43
CA VAL B 105 19.39 -10.46 14.00
C VAL B 105 20.07 -10.50 15.36
N LEU B 106 19.57 -11.36 16.26
CA LEU B 106 20.18 -11.46 17.59
C LEU B 106 21.63 -11.87 17.50
N SER B 107 21.96 -12.73 16.52
CA SER B 107 23.35 -13.16 16.34
C SER B 107 24.21 -12.02 15.82
N ALA B 108 23.69 -11.23 14.87
CA ALA B 108 24.49 -10.15 14.30
C ALA B 108 24.67 -9.00 15.28
N ALA B 109 23.71 -8.80 16.18
CA ALA B 109 23.80 -7.73 17.17
C ALA B 109 24.52 -8.18 18.44
N GLY B 110 24.74 -9.47 18.63
CA GLY B 110 25.34 -9.96 19.86
C GLY B 110 24.45 -9.80 21.07
N ALA B 111 23.17 -10.09 20.93
CA ALA B 111 22.21 -9.87 22.01
C ALA B 111 22.46 -10.83 23.17
N ARG B 112 22.53 -10.27 24.38
CA ARG B 112 22.60 -11.06 25.60
C ARG B 112 21.22 -11.48 26.10
N TYR B 113 20.19 -10.68 25.80
CA TYR B 113 18.84 -10.92 26.28
C TYR B 113 17.84 -10.75 25.15
N LEU B 114 16.70 -11.40 25.30
CA LEU B 114 15.54 -11.19 24.43
C LEU B 114 14.32 -11.07 25.33
N ILE B 115 13.75 -9.87 25.37
CA ILE B 115 12.48 -9.65 26.07
C ILE B 115 11.36 -9.83 25.06
N SER B 116 10.45 -10.77 25.34
CA SER B 116 9.44 -11.14 24.37
C SER B 116 8.12 -11.41 25.08
N ASP B 117 7.02 -11.05 24.41
CA ASP B 117 5.69 -11.37 24.90
C ASP B 117 5.21 -12.73 24.43
N ASP B 118 6.07 -13.43 23.73
CA ASP B 118 5.72 -14.77 23.24
C ASP B 118 6.92 -15.67 23.50
N VAL B 119 7.11 -16.07 24.77
CA VAL B 119 8.25 -16.90 25.21
C VAL B 119 8.31 -18.24 24.46
N THR B 120 7.15 -18.82 24.16
CA THR B 120 7.14 -20.11 23.43
C THR B 120 7.50 -19.92 21.95
N SER B 121 7.27 -18.75 21.36
CA SER B 121 7.50 -18.70 19.89
C SER B 121 8.77 -17.95 19.46
N VAL B 122 9.87 -18.07 20.21
CA VAL B 122 11.17 -17.44 19.91
C VAL B 122 12.23 -18.51 19.70
N PRO B 123 13.29 -18.21 18.94
CA PRO B 123 14.40 -19.17 18.79
C PRO B 123 15.35 -19.08 19.98
N GLY B 124 16.40 -19.89 19.94
CA GLY B 124 17.33 -19.97 21.04
C GLY B 124 18.77 -19.85 20.57
N GLY B 125 19.61 -19.35 21.47
CA GLY B 125 21.02 -19.19 21.20
C GLY B 125 21.79 -18.73 22.42
N ALA B 126 22.89 -18.00 22.22
CA ALA B 126 23.64 -17.44 23.33
C ALA B 126 22.96 -16.18 23.86
N TRP B 127 21.68 -16.30 24.21
CA TRP B 127 20.91 -15.21 24.80
C TRP B 127 19.82 -15.83 25.65
N HIS B 128 19.49 -15.17 26.76
CA HIS B 128 18.47 -15.66 27.67
C HIS B 128 17.17 -14.91 27.41
N VAL B 129 16.07 -15.64 27.34
CA VAL B 129 14.77 -15.07 27.02
C VAL B 129 14.07 -14.64 28.31
N LEU B 130 13.63 -13.39 28.36
CA LEU B 130 12.86 -12.86 29.48
C LEU B 130 11.43 -12.61 29.03
N SER B 131 10.48 -13.01 29.88
CA SER B 131 9.07 -12.80 29.59
C SER B 131 8.70 -11.34 29.85
N SER B 132 8.25 -10.65 28.81
CA SER B 132 7.84 -9.25 28.97
C SER B 132 6.67 -9.13 29.94
N ARG B 133 5.67 -10.01 29.81
CA ARG B 133 4.51 -9.96 30.69
C ARG B 133 4.91 -10.17 32.16
N THR B 134 5.90 -11.02 32.41
CA THR B 134 6.33 -11.28 33.79
C THR B 134 7.00 -10.07 34.40
N LEU B 135 7.93 -9.43 33.67
CA LEU B 135 8.59 -8.24 34.19
C LEU B 135 7.57 -7.15 34.52
N ILE B 136 6.57 -6.97 33.66
CA ILE B 136 5.58 -5.91 33.85
C ILE B 136 4.81 -6.12 35.15
N GLN B 137 4.40 -7.36 35.42
CA GLN B 137 3.62 -7.61 36.63
C GLN B 137 4.48 -7.59 37.88
N ASN B 138 5.80 -7.64 37.76
CA ASN B 138 6.69 -7.47 38.91
C ASN B 138 6.85 -6.01 39.32
N CYS B 139 6.30 -5.07 38.55
CA CYS B 139 6.45 -3.66 38.87
C CYS B 139 5.69 -3.31 40.15
N THR B 140 6.32 -2.53 41.01
CA THR B 140 5.72 -2.09 42.25
C THR B 140 5.86 -0.58 42.42
N SER B 144 12.66 2.15 43.21
CA SER B 144 13.58 3.28 43.31
C SER B 144 15.02 2.81 43.27
N GLY B 145 15.60 2.78 42.06
CA GLY B 145 16.95 2.30 41.85
C GLY B 145 17.94 3.43 41.62
N ASN B 146 19.16 3.03 41.26
CA ASN B 146 20.24 3.96 40.96
C ASN B 146 20.67 3.78 39.51
N TYR B 147 20.50 4.82 38.71
CA TYR B 147 20.58 4.74 37.26
C TYR B 147 21.81 5.47 36.72
N PRO B 148 22.32 5.06 35.55
CA PRO B 148 23.58 5.64 35.06
C PRO B 148 23.40 7.06 34.56
N VAL B 149 24.52 7.79 34.54
CA VAL B 149 24.58 9.09 33.89
C VAL B 149 24.86 8.85 32.41
N LEU B 150 23.86 9.06 31.57
CA LEU B 150 23.97 8.77 30.15
C LEU B 150 24.25 10.04 29.36
N SER B 151 25.03 9.89 28.31
CA SER B 151 25.39 10.97 27.41
C SER B 151 24.65 10.81 26.07
N ALA B 152 24.58 11.91 25.33
CA ALA B 152 23.99 11.85 24.00
C ALA B 152 24.73 10.88 23.10
N ASP B 153 26.02 10.67 23.33
CA ASP B 153 26.84 9.79 22.51
C ASP B 153 26.82 8.34 22.96
N ASP B 154 26.18 8.02 24.09
CA ASP B 154 26.08 6.63 24.48
C ASP B 154 25.20 5.86 23.49
N PRO B 155 25.50 4.58 23.27
CA PRO B 155 24.67 3.78 22.35
C PRO B 155 23.26 3.60 22.90
N ALA B 156 22.27 3.72 22.02
CA ALA B 156 20.86 3.56 22.38
C ALA B 156 20.26 2.30 21.78
N LEU B 157 20.54 2.03 20.51
CA LEU B 157 19.93 0.83 19.88
C LEU B 157 20.74 0.36 18.67
N ILE B 158 20.39 -0.82 18.17
CA ILE B 158 21.05 -1.45 16.99
C ILE B 158 19.98 -1.78 15.96
N LEU B 159 20.20 -1.33 14.72
CA LEU B 159 19.27 -1.59 13.63
C LEU B 159 19.99 -2.31 12.50
N MET B 160 19.24 -3.11 11.76
CA MET B 160 19.77 -3.86 10.62
C MET B 160 19.47 -3.11 9.32
N THR B 161 20.48 -3.05 8.46
CA THR B 161 20.30 -2.55 7.10
C THR B 161 21.29 -3.21 6.16
N PRO B 168 23.78 -6.65 4.68
CA PRO B 168 22.99 -7.07 5.84
C PRO B 168 23.64 -6.61 7.14
N LYS B 169 23.91 -5.31 7.25
CA LYS B 169 24.83 -4.79 8.25
C LYS B 169 24.11 -4.32 9.51
N SER B 170 24.81 -4.44 10.64
CA SER B 170 24.33 -3.97 11.93
C SER B 170 24.77 -2.53 12.14
N VAL B 171 23.84 -1.69 12.58
CA VAL B 171 24.08 -0.24 12.70
C VAL B 171 23.85 0.16 14.16
N LEU B 172 24.87 0.73 14.79
CA LEU B 172 24.78 1.19 16.17
C LEU B 172 24.33 2.64 16.19
N ILE B 173 23.24 2.93 16.90
CA ILE B 173 22.62 4.24 16.94
C ILE B 173 22.83 4.84 18.32
N ALA B 174 23.31 6.09 18.37
CA ALA B 174 23.53 6.78 19.63
C ALA B 174 22.25 7.47 20.09
N HIS B 175 22.23 7.82 21.38
CA HIS B 175 21.05 8.47 21.94
C HIS B 175 20.69 9.74 21.17
N ARG B 176 21.69 10.54 20.79
CA ARG B 176 21.42 11.78 20.05
C ARG B 176 20.74 11.52 18.72
N GLY B 177 20.96 10.36 18.12
CA GLY B 177 20.35 10.07 16.83
C GLY B 177 18.84 10.13 16.84
N ILE B 178 18.23 9.78 17.98
CA ILE B 178 16.79 9.89 18.15
C ILE B 178 16.39 11.02 19.09
N ALA B 179 17.29 11.45 19.99
CA ALA B 179 16.99 12.58 20.85
C ALA B 179 16.75 13.85 20.05
N ARG B 180 17.41 13.98 18.89
CA ARG B 180 17.18 15.12 18.02
C ARG B 180 15.73 15.27 17.61
N LEU B 181 14.95 14.19 17.67
CA LEU B 181 13.55 14.24 17.27
C LEU B 181 12.67 14.95 18.30
N GLY B 182 13.22 15.32 19.45
CA GLY B 182 12.53 16.20 20.37
C GLY B 182 12.51 17.66 19.95
N LEU B 183 13.29 18.03 18.93
CA LEU B 183 13.32 19.39 18.40
C LEU B 183 12.21 19.57 17.38
N PRO B 184 11.37 20.59 17.52
CA PRO B 184 10.29 20.80 16.55
C PRO B 184 10.83 20.97 15.14
N VAL B 185 10.18 20.28 14.20
CA VAL B 185 10.55 20.35 12.78
C VAL B 185 9.86 21.57 12.16
N PRO B 186 10.61 22.58 11.71
CA PRO B 186 9.95 23.81 11.24
C PRO B 186 8.97 23.60 10.10
N ALA B 187 9.28 22.73 9.14
CA ALA B 187 8.38 22.50 8.02
C ALA B 187 7.08 21.83 8.45
N LEU B 188 7.08 21.13 9.59
CA LEU B 188 5.88 20.45 10.08
C LEU B 188 5.07 21.31 11.05
N GLY B 189 5.72 22.22 11.76
CA GLY B 189 5.03 23.00 12.77
C GLY B 189 4.53 22.17 13.93
N ASN B 190 5.19 21.05 14.21
CA ASN B 190 4.71 20.12 15.23
C ASN B 190 5.06 20.61 16.62
N SER B 191 4.27 20.18 17.59
CA SER B 191 4.45 20.55 18.98
C SER B 191 3.76 19.50 19.86
N GLU B 192 3.55 19.85 21.13
CA GLU B 192 2.91 18.90 22.05
C GLU B 192 1.43 18.71 21.75
N ARG B 193 0.81 19.61 20.97
CA ARG B 193 -0.60 19.49 20.63
C ARG B 193 -0.88 18.36 19.64
N ASP B 194 0.16 17.78 19.03
CA ASP B 194 -0.05 16.87 17.91
C ASP B 194 -0.30 15.45 18.39
N CYS B 195 -0.71 14.61 17.44
CA CYS B 195 -0.93 13.18 17.68
C CYS B 195 -0.33 12.41 16.53
N TYR B 196 0.44 11.37 16.86
CA TYR B 196 1.12 10.53 15.87
C TYR B 196 0.50 9.14 15.89
N LEU B 197 0.75 8.40 14.80
CA LEU B 197 0.28 7.02 14.65
C LEU B 197 1.49 6.11 14.54
N GLN B 198 1.59 5.15 15.46
CA GLN B 198 2.67 4.17 15.44
C GLN B 198 2.24 2.99 14.59
N ILE B 199 2.81 2.88 13.40
CA ILE B 199 2.42 1.84 12.46
C ILE B 199 3.66 1.20 11.84
N ALA B 200 4.73 1.99 11.67
CA ALA B 200 5.96 1.45 11.11
C ALA B 200 6.58 0.44 12.05
N ASP B 201 7.18 -0.60 11.49
CA ASP B 201 7.74 -1.67 12.31
C ASP B 201 8.93 -1.17 13.11
N ILE B 202 9.03 -1.65 14.36
CA ILE B 202 10.04 -1.14 15.27
C ILE B 202 11.46 -1.47 14.83
N SER B 203 11.64 -2.51 14.00
CA SER B 203 12.97 -2.82 13.50
C SER B 203 13.41 -1.88 12.39
N PHE B 204 12.52 -1.00 11.92
CA PHE B 204 12.83 0.00 10.91
C PHE B 204 13.19 1.31 11.56
N ALA B 205 14.19 2.01 11.01
CA ALA B 205 14.51 3.36 11.47
C ALA B 205 13.32 4.29 11.32
N ALA B 206 12.41 4.00 10.39
CA ALA B 206 11.25 4.85 10.18
C ALA B 206 10.37 4.92 11.43
N SER B 207 10.31 3.84 12.21
CA SER B 207 9.47 3.85 13.40
C SER B 207 9.91 4.89 14.42
N ALA B 208 11.18 5.32 14.37
CA ALA B 208 11.65 6.32 15.32
C ALA B 208 10.95 7.66 15.10
N ASN B 209 10.67 8.01 13.85
CA ASN B 209 9.95 9.25 13.55
C ASN B 209 8.65 9.33 14.33
N GLU B 210 7.88 8.25 14.36
CA GLU B 210 6.58 8.25 15.02
C GLU B 210 6.71 8.21 16.54
N ILE B 211 7.55 7.31 17.05
CA ILE B 211 7.64 7.11 18.49
C ILE B 211 8.24 8.33 19.18
N TRP B 212 9.40 8.78 18.71
CA TRP B 212 10.16 9.76 19.48
C TRP B 212 9.80 11.20 19.17
N MET B 213 9.36 11.52 17.95
CA MET B 213 8.78 12.84 17.75
C MET B 213 7.53 13.03 18.59
N ALA B 214 6.85 11.93 18.97
CA ALA B 214 5.71 12.03 19.88
C ALA B 214 6.17 12.17 21.32
N LEU B 215 6.86 11.17 21.85
CA LEU B 215 7.15 11.08 23.27
C LEU B 215 8.22 12.05 23.75
N LEU B 216 9.00 12.64 22.85
CA LEU B 216 10.01 13.61 23.24
C LEU B 216 9.59 15.05 22.99
N THR B 217 8.31 15.27 22.65
CA THR B 217 7.80 16.63 22.47
C THR B 217 6.60 16.95 23.35
N GLY B 218 6.03 15.98 24.04
CA GLY B 218 4.78 16.17 24.75
C GLY B 218 3.56 15.82 23.94
N ALA B 219 3.73 15.28 22.74
CA ALA B 219 2.61 14.92 21.89
C ALA B 219 2.07 13.54 22.27
N CYS B 220 1.00 13.14 21.59
CA CYS B 220 0.35 11.86 21.82
C CYS B 220 0.72 10.87 20.72
N LEU B 221 0.93 9.62 21.10
CA LEU B 221 1.22 8.55 20.17
C LEU B 221 0.09 7.53 20.26
N THR B 222 -0.76 7.48 19.24
CA THR B 222 -1.79 6.45 19.18
C THR B 222 -1.22 5.23 18.48
N ILE B 223 -1.53 4.05 19.03
CA ILE B 223 -0.82 2.83 18.70
C ILE B 223 -1.71 1.97 17.82
N ALA B 224 -1.24 1.68 16.61
CA ALA B 224 -1.98 0.80 15.72
C ALA B 224 -2.00 -0.62 16.29
N PRO B 225 -3.07 -1.37 16.05
CA PRO B 225 -3.12 -2.75 16.52
C PRO B 225 -2.02 -3.57 15.88
N PRO B 226 -1.54 -4.60 16.57
CA PRO B 226 -0.49 -5.44 15.98
C PRO B 226 -0.98 -6.17 14.74
N GLY B 227 -0.03 -6.57 13.91
CA GLY B 227 -0.33 -7.29 12.69
C GLY B 227 -0.24 -6.40 11.45
N LEU B 228 -0.51 -7.02 10.31
CA LEU B 228 -0.48 -6.31 9.04
C LEU B 228 -1.54 -5.21 9.02
N PRO B 229 -1.31 -4.14 8.25
CA PRO B 229 -2.23 -3.00 8.27
C PRO B 229 -3.67 -3.38 7.91
N ASP B 230 -4.61 -2.88 8.70
CA ASP B 230 -6.04 -2.94 8.41
C ASP B 230 -6.47 -1.52 8.12
N LEU B 231 -6.63 -1.20 6.83
CA LEU B 231 -6.85 0.19 6.44
C LEU B 231 -8.20 0.72 6.89
N MET B 232 -9.21 -0.15 6.99
CA MET B 232 -10.49 0.27 7.56
C MET B 232 -10.30 0.73 9.00
N ALA B 233 -9.70 -0.12 9.84
CA ALA B 233 -9.49 0.23 11.23
C ALA B 233 -8.54 1.41 11.37
N LEU B 234 -7.54 1.50 10.50
CA LEU B 234 -6.57 2.60 10.60
C LEU B 234 -7.20 3.94 10.25
N ALA B 235 -8.00 3.98 9.18
CA ALA B 235 -8.70 5.21 8.84
C ALA B 235 -9.60 5.66 9.98
N ARG B 236 -10.29 4.71 10.62
CA ARG B 236 -11.12 5.05 11.78
C ARG B 236 -10.27 5.58 12.92
N GLN B 237 -9.12 4.95 13.16
CA GLN B 237 -8.23 5.40 14.22
C GLN B 237 -7.68 6.79 13.93
N ILE B 238 -7.23 7.03 12.70
CA ILE B 238 -6.70 8.34 12.31
C ILE B 238 -7.72 9.43 12.64
N GLU B 239 -9.00 9.15 12.37
CA GLU B 239 -10.05 10.13 12.64
C GLU B 239 -10.46 10.15 14.12
N SER B 240 -10.59 8.98 14.74
CA SER B 240 -11.07 8.91 16.12
C SER B 240 -10.08 9.56 17.09
N ASP B 241 -8.80 9.24 16.94
CA ASP B 241 -7.79 9.78 17.84
C ASP B 241 -7.17 11.08 17.33
N ASN B 242 -7.69 11.62 16.23
CA ASN B 242 -7.30 12.91 15.69
C ASN B 242 -5.80 12.98 15.44
N VAL B 243 -5.33 12.10 14.56
CA VAL B 243 -3.93 12.12 14.15
C VAL B 243 -3.67 13.35 13.31
N THR B 244 -2.60 14.08 13.63
CA THR B 244 -2.22 15.27 12.90
C THR B 244 -0.90 15.15 12.16
N MET B 245 -0.04 14.20 12.54
CA MET B 245 1.23 13.93 11.87
C MET B 245 1.21 12.46 11.43
N LEU B 246 1.11 12.24 10.13
CA LEU B 246 0.93 10.89 9.57
C LEU B 246 2.16 10.52 8.75
N PHE B 247 3.01 9.66 9.31
CA PHE B 247 4.12 9.08 8.58
C PHE B 247 3.66 7.80 7.91
N LEU B 248 3.98 7.67 6.62
CA LEU B 248 3.54 6.51 5.85
C LEU B 248 4.70 5.93 5.05
N SER B 249 4.70 4.60 4.95
CA SER B 249 5.57 3.93 4.00
C SER B 249 5.07 4.20 2.58
N GLY B 250 5.91 3.89 1.60
CA GLY B 250 5.51 4.05 0.21
C GLY B 250 4.30 3.20 -0.14
N GLY B 251 4.25 1.98 0.38
CA GLY B 251 3.12 1.10 0.07
C GLY B 251 1.85 1.54 0.74
N LEU B 252 1.94 1.96 2.01
CA LEU B 252 0.74 2.40 2.73
C LEU B 252 0.21 3.71 2.14
N PHE B 253 1.10 4.60 1.69
CA PHE B 253 0.66 5.84 1.06
C PHE B 253 -0.01 5.55 -0.28
N ARG B 254 0.62 4.72 -1.11
CA ARG B 254 0.06 4.43 -2.42
C ARG B 254 -1.30 3.75 -2.30
N LEU B 255 -1.42 2.77 -1.40
CA LEU B 255 -2.71 2.10 -1.22
C LEU B 255 -3.76 3.07 -0.71
N PHE B 256 -3.38 4.01 0.17
CA PHE B 256 -4.34 4.98 0.65
C PHE B 256 -4.75 5.95 -0.46
N VAL B 257 -3.79 6.35 -1.31
CA VAL B 257 -4.15 7.20 -2.45
C VAL B 257 -5.14 6.48 -3.35
N GLU B 258 -5.00 5.17 -3.49
CA GLU B 258 -5.81 4.42 -4.45
C GLU B 258 -7.21 4.11 -3.94
N VAL B 259 -7.39 3.88 -2.65
CA VAL B 259 -8.67 3.41 -2.14
C VAL B 259 -9.36 4.40 -1.19
N SER B 260 -8.64 5.36 -0.61
CA SER B 260 -9.27 6.29 0.32
C SER B 260 -8.42 7.53 0.52
N VAL B 261 -8.29 8.35 -0.53
CA VAL B 261 -7.40 9.51 -0.46
C VAL B 261 -7.91 10.54 0.53
N GLU B 262 -9.22 10.54 0.83
CA GLU B 262 -9.77 11.47 1.81
C GLU B 262 -9.10 11.32 3.16
N THR B 263 -8.76 10.08 3.53
CA THR B 263 -8.14 9.82 4.83
C THR B 263 -6.84 10.59 4.98
N LEU B 264 -6.13 10.82 3.88
CA LEU B 264 -4.83 11.49 3.93
C LEU B 264 -4.93 12.98 4.22
N HIS B 265 -6.14 13.53 4.28
CA HIS B 265 -6.31 14.96 4.56
C HIS B 265 -7.09 15.20 5.86
N ILE B 266 -7.22 14.18 6.69
CA ILE B 266 -7.66 14.38 8.08
C ILE B 266 -6.50 14.94 8.90
N PRO B 267 -5.29 14.39 8.82
CA PRO B 267 -4.17 15.01 9.56
C PRO B 267 -3.74 16.32 8.91
N ASP B 268 -2.87 17.03 9.64
CA ASP B 268 -2.33 18.29 9.12
C ASP B 268 -1.13 18.05 8.21
N CYS B 269 -0.32 17.04 8.49
CA CYS B 269 0.87 16.73 7.72
C CYS B 269 0.94 15.25 7.42
N VAL B 270 1.33 14.91 6.20
CA VAL B 270 1.58 13.54 5.79
C VAL B 270 3.00 13.47 5.23
N VAL B 271 3.79 12.53 5.76
CA VAL B 271 5.17 12.35 5.34
C VAL B 271 5.32 10.93 4.82
N VAL B 272 5.77 10.83 3.56
CA VAL B 272 6.00 9.51 2.90
C VAL B 272 7.51 9.28 2.84
N SER B 273 7.98 8.20 3.41
CA SER B 273 9.43 7.91 3.43
C SER B 273 9.71 6.56 2.81
N GLY B 274 10.96 6.31 2.43
CA GLY B 274 11.29 4.97 1.93
C GLY B 274 11.99 4.94 0.59
N ASP B 275 11.25 5.09 -0.49
CA ASP B 275 11.97 4.95 -1.78
C ASP B 275 11.50 6.05 -2.71
N PHE B 276 11.49 5.74 -3.99
CA PHE B 276 10.94 6.70 -4.96
C PHE B 276 9.49 6.27 -5.12
N VAL B 277 8.59 7.04 -4.57
CA VAL B 277 7.15 6.75 -4.80
C VAL B 277 6.76 7.38 -6.13
N ASN B 278 5.81 6.77 -6.86
CA ASN B 278 5.37 7.31 -8.17
C ASN B 278 5.00 8.78 -8.01
N PRO B 279 5.64 9.71 -8.75
CA PRO B 279 5.34 11.14 -8.61
C PRO B 279 3.85 11.46 -8.79
N ARG B 280 3.15 10.72 -9.65
CA ARG B 280 1.73 11.01 -9.87
C ARG B 280 0.92 10.79 -8.59
N LEU B 281 1.36 9.87 -7.73
CA LEU B 281 0.65 9.65 -6.47
C LEU B 281 0.67 10.90 -5.61
N PHE B 282 1.78 11.64 -5.60
CA PHE B 282 1.82 12.90 -4.89
C PHE B 282 0.87 13.91 -5.52
N SER B 283 0.72 13.88 -6.85
CA SER B 283 -0.20 14.79 -7.51
C SER B 283 -1.64 14.51 -7.10
N VAL B 284 -2.04 13.24 -7.08
CA VAL B 284 -3.39 12.88 -6.66
C VAL B 284 -3.62 13.29 -5.21
N ALA B 285 -2.63 13.07 -4.35
CA ALA B 285 -2.78 13.36 -2.94
C ALA B 285 -2.94 14.86 -2.68
N VAL B 286 -2.12 15.69 -3.30
CA VAL B 286 -2.13 17.12 -2.97
C VAL B 286 -3.35 17.82 -3.54
N GLN B 287 -3.89 17.30 -4.64
CA GLN B 287 -5.07 17.89 -5.33
C GLN B 287 -6.37 17.41 -4.69
N ALA B 288 -6.31 16.49 -3.75
CA ALA B 288 -7.50 15.97 -3.09
C ALA B 288 -7.86 16.70 -1.81
N GLY B 289 -6.91 17.42 -1.21
CA GLY B 289 -7.19 18.18 -0.01
C GLY B 289 -6.07 19.18 0.25
N LYS B 290 -6.10 19.76 1.46
CA LYS B 290 -5.16 20.82 1.82
C LYS B 290 -4.17 20.41 2.90
N ALA B 291 -4.15 19.14 3.30
CA ALA B 291 -3.08 18.68 4.18
C ALA B 291 -1.74 18.80 3.47
N LYS B 292 -0.70 19.11 4.25
CA LYS B 292 0.65 19.22 3.71
C LYS B 292 1.22 17.83 3.48
N ILE B 293 1.64 17.54 2.25
CA ILE B 293 2.18 16.25 1.85
C ILE B 293 3.67 16.40 1.62
N PHE B 294 4.47 15.52 2.23
CA PHE B 294 5.92 15.58 2.17
C PHE B 294 6.49 14.29 1.63
N ASN B 295 7.55 14.40 0.84
CA ASN B 295 8.44 13.28 0.53
C ASN B 295 9.60 13.33 1.51
N GLY B 296 9.70 12.31 2.36
CA GLY B 296 10.72 12.27 3.40
C GLY B 296 11.86 11.35 3.01
N LEU B 297 13.09 11.86 3.12
CA LEU B 297 14.27 11.07 2.89
C LEU B 297 14.72 10.47 4.21
N GLY B 298 14.70 9.14 4.31
CA GLY B 298 15.12 8.44 5.51
C GLY B 298 16.37 7.64 5.26
N CYS B 299 17.05 7.23 6.33
CA CYS B 299 18.35 6.58 6.19
C CYS B 299 18.70 5.93 7.53
N THR B 300 18.89 4.61 7.52
CA THR B 300 19.14 3.90 8.77
C THR B 300 20.38 4.44 9.47
N GLU B 301 21.45 4.72 8.71
CA GLU B 301 22.68 5.23 9.28
C GLU B 301 22.57 6.68 9.75
N ASN B 302 21.44 7.35 9.54
CA ASN B 302 21.18 8.65 10.16
C ASN B 302 20.07 8.56 11.20
N SER B 303 19.82 7.35 11.72
CA SER B 303 18.98 7.09 12.88
C SER B 303 17.48 7.21 12.61
N ALA B 304 17.08 8.14 11.74
CA ALA B 304 15.67 8.40 11.51
C ALA B 304 15.52 9.29 10.29
N ILE B 305 14.30 9.80 10.09
CA ILE B 305 14.00 10.74 9.00
C ILE B 305 15.00 11.90 9.06
N SER B 306 15.46 12.32 7.88
CA SER B 306 16.57 13.26 7.78
C SER B 306 16.24 14.54 7.02
N SER B 307 15.33 14.49 6.04
CA SER B 307 14.94 15.70 5.33
C SER B 307 13.51 15.54 4.83
N LEU B 308 12.89 16.68 4.51
CA LEU B 308 11.51 16.72 4.06
C LEU B 308 11.38 17.64 2.87
N TYR B 309 10.73 17.17 1.80
CA TYR B 309 10.37 18.02 0.67
C TYR B 309 8.86 18.16 0.63
N HIS B 310 8.39 19.41 0.63
CA HIS B 310 6.96 19.73 0.63
C HIS B 310 6.49 19.82 -0.81
N ILE B 311 5.63 18.89 -1.22
CA ILE B 311 5.08 18.90 -2.57
C ILE B 311 3.91 19.89 -2.61
N GLN B 312 3.99 20.87 -3.51
CA GLN B 312 2.98 21.90 -3.60
C GLN B 312 2.21 21.92 -4.91
N SER B 313 2.69 21.23 -5.96
CA SER B 313 2.08 21.29 -7.28
C SER B 313 1.85 19.89 -7.82
N ALA B 314 1.15 19.82 -8.95
CA ALA B 314 0.91 18.56 -9.63
C ALA B 314 1.49 18.60 -11.04
N GLU B 320 9.72 12.37 -15.68
CA GLU B 320 10.67 11.98 -14.61
C GLU B 320 11.04 13.23 -13.80
N SER B 321 12.25 13.75 -14.06
CA SER B 321 12.92 14.94 -13.44
C SER B 321 13.57 14.58 -12.10
N PRO B 322 14.58 15.36 -11.68
CA PRO B 322 15.27 15.11 -10.42
C PRO B 322 14.35 15.39 -9.23
N VAL B 323 14.41 14.51 -8.22
CA VAL B 323 13.58 14.60 -6.99
C VAL B 323 14.32 15.43 -5.95
N PRO B 324 13.74 16.52 -5.41
CA PRO B 324 14.45 17.29 -4.40
C PRO B 324 14.45 16.52 -3.07
N VAL B 325 15.57 16.56 -2.34
CA VAL B 325 15.63 15.87 -1.01
C VAL B 325 14.90 16.75 0.00
N GLY B 326 14.83 18.05 -0.25
CA GLY B 326 14.10 18.93 0.68
C GLY B 326 14.99 19.56 1.73
N THR B 327 14.38 20.02 2.81
CA THR B 327 15.10 20.71 3.88
C THR B 327 15.47 19.74 4.99
N PRO B 328 16.74 19.66 5.36
CA PRO B 328 17.14 18.75 6.44
C PRO B 328 16.48 19.09 7.77
N LEU B 329 16.23 18.05 8.57
CA LEU B 329 15.64 18.21 9.88
C LEU B 329 16.61 18.94 10.82
N PRO B 330 16.13 19.43 11.95
CA PRO B 330 17.03 20.12 12.90
C PRO B 330 18.26 19.29 13.24
N LEU B 331 19.43 19.94 13.12
CA LEU B 331 20.76 19.41 13.45
C LEU B 331 21.29 18.46 12.38
N VAL B 332 20.61 18.33 11.25
CA VAL B 332 21.08 17.52 10.13
C VAL B 332 21.69 18.44 9.09
N GLU B 333 22.82 18.02 8.52
CA GLU B 333 23.48 18.75 7.45
C GLU B 333 23.73 17.80 6.29
N MET B 334 23.32 18.21 5.09
CA MET B 334 23.47 17.39 3.89
C MET B 334 24.34 18.12 2.89
N VAL B 335 25.34 17.42 2.35
CA VAL B 335 26.25 17.98 1.36
C VAL B 335 26.45 16.96 0.26
N VAL B 336 26.53 17.43 -0.98
CA VAL B 336 26.87 16.59 -2.12
C VAL B 336 28.34 16.78 -2.43
N PHE B 337 29.11 15.69 -2.34
CA PHE B 337 30.53 15.69 -2.66
C PHE B 337 30.78 14.91 -3.94
N ASN B 338 31.76 15.36 -4.72
CA ASN B 338 32.17 14.62 -5.90
C ASN B 338 33.24 13.60 -5.52
N GLU B 339 33.82 12.93 -6.51
CA GLU B 339 34.85 11.93 -6.25
C GLU B 339 36.09 12.52 -5.60
N ARG B 340 36.27 13.84 -5.73
CA ARG B 340 37.44 14.52 -5.13
C ARG B 340 37.07 15.07 -3.75
N LEU B 341 35.91 14.65 -3.24
CA LEU B 341 35.38 15.09 -1.92
C LEU B 341 35.31 16.62 -1.86
N GLN B 342 34.81 17.25 -2.92
CA GLN B 342 34.66 18.74 -2.96
C GLN B 342 33.17 19.05 -3.11
N PRO B 343 32.63 20.07 -2.41
CA PRO B 343 31.22 20.43 -2.55
C PRO B 343 30.91 20.66 -4.03
N CYS B 344 30.00 19.85 -4.58
CA CYS B 344 29.64 19.90 -6.01
C CYS B 344 29.06 21.27 -6.40
N THR B 345 29.44 21.76 -7.58
CA THR B 345 28.85 22.97 -8.15
C THR B 345 27.42 22.68 -8.58
N CYS B 346 26.78 23.67 -9.18
CA CYS B 346 25.42 23.49 -9.67
C CYS B 346 25.42 22.55 -10.87
N GLY B 347 24.58 21.51 -10.80
CA GLY B 347 24.50 20.55 -11.89
C GLY B 347 25.66 19.59 -11.99
N GLU B 348 26.53 19.55 -10.98
CA GLU B 348 27.66 18.62 -10.95
C GLU B 348 27.26 17.38 -10.15
N TYR B 349 27.55 16.21 -10.71
CA TYR B 349 27.09 14.97 -10.13
C TYR B 349 28.07 14.46 -9.06
N GLY B 350 27.52 14.14 -7.89
CA GLY B 350 28.28 13.54 -6.81
C GLY B 350 27.41 12.56 -6.04
N GLU B 351 27.76 12.29 -4.79
CA GLU B 351 26.91 11.46 -3.96
C GLU B 351 26.64 12.16 -2.64
N LEU B 352 25.49 11.84 -2.07
CA LEU B 352 24.98 12.58 -0.91
C LEU B 352 25.68 12.13 0.36
N PHE B 353 26.16 13.09 1.14
CA PHE B 353 26.77 12.86 2.45
C PHE B 353 25.91 13.53 3.52
N ILE B 354 25.75 12.86 4.65
CA ILE B 354 24.92 13.34 5.76
C ILE B 354 25.78 13.47 7.01
N ALA B 355 25.71 14.63 7.65
CA ALA B 355 26.38 14.88 8.91
C ALA B 355 25.35 15.37 9.92
N GLY B 356 25.78 15.53 11.17
CA GLY B 356 24.95 16.07 12.21
C GLY B 356 24.59 15.06 13.28
N ALA B 357 23.60 15.44 14.09
CA ALA B 357 23.29 14.70 15.31
C ALA B 357 22.75 13.30 15.03
N GLY B 358 22.29 13.01 13.81
CA GLY B 358 21.73 11.71 13.53
C GLY B 358 22.72 10.63 13.12
N VAL B 359 23.97 11.00 12.84
CA VAL B 359 24.91 10.04 12.26
C VAL B 359 25.15 8.89 13.24
N ALA B 360 25.03 7.67 12.73
CA ALA B 360 25.20 6.48 13.56
C ALA B 360 26.62 6.41 14.10
N LEU B 361 26.80 5.58 15.13
CA LEU B 361 28.12 5.35 15.68
C LEU B 361 28.97 4.46 14.79
N GLY B 362 28.36 3.69 13.90
CA GLY B 362 29.09 2.92 12.91
C GLY B 362 28.49 1.53 12.77
N TYR B 363 29.19 0.70 12.01
CA TYR B 363 28.87 -0.71 11.87
C TYR B 363 29.70 -1.54 12.83
N SER B 364 29.33 -2.82 12.96
CA SER B 364 30.17 -3.74 13.72
C SER B 364 31.48 -4.04 13.01
N ASP B 365 31.53 -3.87 11.70
CA ASP B 365 32.77 -4.04 10.95
C ASP B 365 33.58 -2.74 11.01
N PRO B 366 34.78 -2.75 11.59
CA PRO B 366 35.58 -1.52 11.61
C PRO B 366 36.05 -1.08 10.22
N GLN B 367 36.31 -2.03 9.32
CA GLN B 367 36.68 -1.66 7.95
C GLN B 367 35.52 -1.00 7.23
N LEU B 368 34.32 -1.58 7.33
CA LEU B 368 33.16 -1.03 6.65
C LEU B 368 32.74 0.30 7.25
N THR B 369 32.93 0.49 8.56
CA THR B 369 32.65 1.79 9.16
C THR B 369 33.59 2.86 8.61
N ALA B 370 34.87 2.51 8.41
CA ALA B 370 35.83 3.47 7.88
C ALA B 370 35.49 3.88 6.46
N GLU B 371 34.86 2.99 5.69
CA GLU B 371 34.55 3.31 4.31
C GLU B 371 33.39 4.30 4.21
N ARG B 372 32.41 4.18 5.10
CA ARG B 372 31.15 4.91 4.94
C ARG B 372 31.01 6.10 5.88
N PHE B 373 31.74 6.13 6.98
CA PHE B 373 31.72 7.26 7.91
C PHE B 373 33.06 7.95 7.83
N ILE B 374 33.09 9.13 7.19
CA ILE B 374 34.34 9.80 6.83
C ILE B 374 34.34 11.19 7.45
N THR B 375 35.53 11.62 7.91
CA THR B 375 35.70 12.97 8.43
C THR B 375 36.19 13.88 7.31
N ILE B 376 35.43 14.94 7.04
CA ILE B 376 35.74 15.86 5.95
C ILE B 376 35.76 17.28 6.48
N PRO B 377 36.82 18.05 6.24
CA PRO B 377 36.76 19.50 6.53
C PRO B 377 35.71 20.20 5.68
N TYR B 378 34.60 20.59 6.29
CA TYR B 378 33.53 21.29 5.59
C TYR B 378 33.30 22.63 6.26
N GLN B 379 33.63 23.71 5.56
CA GLN B 379 33.45 25.08 6.04
C GLN B 379 34.08 25.26 7.42
N GLY B 380 35.38 24.98 7.49
CA GLY B 380 36.17 25.21 8.68
C GLY B 380 36.06 24.18 9.77
N THR B 381 35.14 23.21 9.65
CA THR B 381 34.95 22.19 10.72
C THR B 381 35.30 20.81 10.19
N ASP B 382 35.96 19.98 10.99
CA ASP B 382 36.19 18.57 10.59
C ASP B 382 34.91 17.82 10.92
N MET B 383 34.04 17.60 9.96
CA MET B 383 32.74 16.94 10.22
C MET B 383 32.75 15.46 9.84
N LEU B 384 32.08 14.63 10.63
CA LEU B 384 31.89 13.23 10.30
C LEU B 384 30.66 13.11 9.40
N PHE B 385 30.85 12.62 8.19
CA PHE B 385 29.78 12.40 7.23
C PHE B 385 29.52 10.91 7.07
N TYR B 386 28.26 10.54 6.91
CA TYR B 386 27.91 9.22 6.41
C TYR B 386 27.77 9.28 4.90
N ARG B 387 28.45 8.38 4.20
CA ARG B 387 28.43 8.37 2.74
C ARG B 387 27.30 7.47 2.29
N THR B 388 26.22 8.08 1.82
CA THR B 388 25.16 7.30 1.17
C THR B 388 25.63 6.82 -0.20
N ASP B 389 24.92 5.83 -0.73
CA ASP B 389 25.10 5.42 -2.11
C ASP B 389 24.14 6.12 -3.06
N ASP B 390 23.78 7.37 -2.75
CA ASP B 390 22.76 8.10 -3.50
C ASP B 390 23.43 9.18 -4.33
N ARG B 391 23.38 9.01 -5.64
CA ARG B 391 23.89 10.00 -6.58
C ARG B 391 23.02 11.26 -6.52
N ALA B 392 23.67 12.43 -6.52
CA ALA B 392 22.94 13.67 -6.28
C ALA B 392 23.66 14.84 -6.95
N THR B 393 23.00 16.00 -6.92
CA THR B 393 23.56 17.24 -7.43
C THR B 393 22.80 18.41 -6.81
N TYR B 394 23.34 19.61 -7.00
CA TYR B 394 22.68 20.84 -6.60
C TYR B 394 21.97 21.44 -7.81
N ASP B 395 20.70 21.78 -7.64
CA ASP B 395 19.93 22.31 -8.75
C ASP B 395 20.32 23.77 -9.00
N GLN B 396 19.58 24.45 -9.88
CA GLN B 396 19.87 25.84 -10.22
C GLN B 396 19.81 26.75 -9.01
N ASP B 397 19.04 26.39 -7.99
CA ASP B 397 18.83 27.26 -6.84
C ASP B 397 19.31 26.63 -5.54
N ARG B 398 20.53 26.08 -5.52
CA ARG B 398 21.23 25.63 -4.33
C ARG B 398 20.61 24.40 -3.68
N ASN B 399 19.47 23.92 -4.17
CA ASN B 399 18.78 22.79 -3.54
C ASN B 399 19.38 21.46 -3.98
N ILE B 400 19.22 20.45 -3.12
CA ILE B 400 19.76 19.12 -3.38
C ILE B 400 18.70 18.28 -4.08
N VAL B 401 19.10 17.59 -5.14
CA VAL B 401 18.22 16.71 -5.89
C VAL B 401 18.95 15.40 -6.19
N LEU B 402 18.26 14.28 -5.98
CA LEU B 402 18.84 12.98 -6.26
C LEU B 402 18.65 12.63 -7.74
N VAL B 403 19.46 11.68 -8.21
CA VAL B 403 19.42 11.27 -9.60
C VAL B 403 19.15 9.77 -9.73
C31 QXP C . -3.44 3.02 -18.83
C15 QXP C . -5.63 2.94 -17.57
C20 QXP C . -2.37 0.51 -16.44
C18 QXP C . -2.07 3.11 -16.79
C16 QXP C . -4.21 3.59 -17.65
C26 QXP C . 2.07 1.46 -16.25
N25 QXP C . 2.23 0.09 -16.04
C23 QXP C . 1.09 -0.75 -16.01
C22 QXP C . -0.22 -0.11 -16.20
C28 QXP C . -0.25 1.31 -16.40
C29 QXP C . -2.01 3.43 -18.34
N10 QXP C . -7.96 0.94 -15.87
N14 QXP C . -6.24 3.09 -16.22
N19 QXP C . -1.60 1.71 -16.55
N21 QXP C . -1.59 -0.57 -16.24
N24 QXP C . 1.28 -2.13 -15.81
N27 QXP C . 0.89 2.13 -16.42
O12 QXP C . -8.20 3.16 -14.55
O13 QXP C . -8.74 3.21 -16.84
O17 QXP C . -3.44 3.26 -16.48
O30 QXP C . -1.87 4.79 -18.52
O32 QXP C . -3.90 3.66 -19.98
S11 QXP C . -7.87 2.67 -15.84
C1 QXP C . -7.00 -0.03 -15.25
C2 QXP C . -7.19 -1.57 -15.34
C3 QXP C . -6.35 -2.51 -14.66
C4 QXP C . -6.65 -3.92 -14.83
C5 QXP C . -7.71 -4.37 -15.65
C6 QXP C . -8.55 -3.43 -16.33
C7 QXP C . -8.28 -2.06 -16.17
O1 QXP C . -6.09 0.48 -14.67
N1 QXP C . -5.25 -2.10 -13.82
CL CL D . -17.55 -3.58 -0.76
CL CL E . -17.34 -5.54 -13.50
CL CL F . -25.40 -1.93 4.65
C31 QXP G . 18.35 5.60 1.11
C15 QXP G . 17.73 4.04 2.86
C20 QXP G . 14.79 6.60 1.25
C18 QXP G . 16.38 5.29 -0.20
C16 QXP G . 17.70 4.26 1.35
C26 QXP G . 14.27 8.34 -2.74
N25 QXP G . 13.36 9.15 -2.15
C23 QXP G . 13.15 8.98 -0.82
C22 QXP G . 13.90 7.98 -0.13
C28 QXP G . 14.80 7.22 -0.85
C29 QXP G . 17.79 5.87 -0.30
N10 QXP G . 15.52 3.14 4.64
N14 QXP G . 17.54 2.67 3.35
N19 QXP G . 15.37 6.34 0.03
N21 QXP G . 13.93 7.56 1.18
N24 QXP G . 12.24 9.77 -0.20
N27 QXP G . 15.02 7.38 -2.17
O12 QXP G . 16.73 1.13 5.04
O13 QXP G . 17.90 2.94 5.66
O17 QXP G . 16.42 4.47 0.92
O30 QXP G . 18.48 5.11 -1.17
O32 QXP G . 19.72 5.44 1.23
S11 QXP G . 16.95 2.45 4.81
CL CL H . 28.30 -4.56 10.18
CL CL I . 3.22 -5.29 16.14
BR BR J . 13.26 2.87 17.30
BR BR K . 4.92 3.38 -5.67
BR BR K . 5.75 1.90 -6.94
#